data_5BO9
#
_entry.id   5BO9
#
_cell.length_a   63.350
_cell.length_b   94.874
_cell.length_c   126.459
_cell.angle_alpha   90.000
_cell.angle_beta   90.000
_cell.angle_gamma   90.000
#
_symmetry.space_group_name_H-M   'P 21 21 21'
#
loop_
_entity.id
_entity.type
_entity.pdbx_description
1 polymer 'Sia-alpha-2,3-Gal-beta-1,4-GlcNAc-R:alpha 2,8-sialyltransferase'
2 branched 2-acetamido-2-deoxy-beta-D-glucopyranose-(1-4)-2-acetamido-2-deoxy-beta-D-glucopyranose
3 branched 2-acetamido-2-deoxy-beta-D-glucopyranose-(1-4)-[alpha-L-fucopyranose-(1-6)]2-acetamido-2-deoxy-beta-D-glucopyranose
4 branched 'N-acetyl-alpha-neuraminic acid-(2-3)-beta-D-galactopyranose-(1-4)-2-acetamido-2-deoxy-6-O-sulfo-beta-D-glucopyranose'
5 non-polymer 2-acetamido-2-deoxy-beta-D-glucopyranose
6 non-polymer "CYTIDINE-5'-MONOPHOSPHATE-3-FLUORO-N-ACETYL-NEURAMINIC ACID"
7 water water
#
_entity_poly.entity_id   1
_entity_poly.type   'polypeptide(L)'
_entity_poly.pdbx_seq_one_letter_code
;APEHHHHHHDYDIPTTENLYFQGQELQEKPSKWKFNRTAFLHQRQEILQHVDVIKNFSLTKNSVRIGQLMHYDYSSHKYV
FSISNNFRSLLPDVSPIMNKHYNICAVVGNSGILTGSQCGQEIDKSDFVFRCNFAPTEAFQRDVGRKTNLTTFNPSILEK
YYNNLLTIQDRNNFFLSLKKLDGAILWIPAFFFHTSATVTRTLVDFFVEHRGQLKVQLAWPGNIMQHVNRYWKNKHLSPK
RLSTGILMYTLASAICEEIHLYGFWPFGFDPNTREDLPYHYYDKKGTKFTTKWQESHQLPAEFQLLYRMHGEGLTKLTLS
HCA
;
_entity_poly.pdbx_strand_id   A,B
#
loop_
_chem_comp.id
_chem_comp.type
_chem_comp.name
_chem_comp.formula
CSF RNA linking 'CYTIDINE-5'-MONOPHOSPHATE-3-FLUORO-N-ACETYL-NEURAMINIC ACID' 'C20 H30 F N4 O16 P'
FUC L-saccharide, alpha linking alpha-L-fucopyranose 'C6 H12 O5'
GAL D-saccharide, beta linking beta-D-galactopyranose 'C6 H12 O6'
NAG D-saccharide, beta linking 2-acetamido-2-deoxy-beta-D-glucopyranose 'C8 H15 N O6'
NGS D-saccharide, beta linking 2-acetamido-2-deoxy-6-O-sulfo-beta-D-glucopyranose 'C8 H15 N O9 S'
SIA D-saccharide, alpha linking 'N-acetyl-alpha-neuraminic acid' 'C11 H19 N O9'
#
# COMPACT_ATOMS: atom_id res chain seq x y z
N TRP A 33 -13.53 -44.80 -12.64
CA TRP A 33 -12.27 -44.44 -11.94
C TRP A 33 -12.29 -45.11 -10.56
N LYS A 34 -11.17 -45.72 -10.18
CA LYS A 34 -11.10 -46.40 -8.92
C LYS A 34 -9.99 -45.74 -8.13
N PHE A 35 -10.32 -45.22 -6.97
CA PHE A 35 -9.31 -44.73 -6.07
C PHE A 35 -8.30 -45.86 -5.74
N ASN A 36 -7.01 -45.55 -5.80
CA ASN A 36 -5.95 -46.41 -5.27
C ASN A 36 -5.38 -45.71 -4.04
N ARG A 37 -5.99 -46.03 -2.90
CA ARG A 37 -5.63 -45.45 -1.60
C ARG A 37 -4.14 -45.63 -1.27
N THR A 38 -3.60 -46.82 -1.53
CA THR A 38 -2.19 -47.08 -1.29
C THR A 38 -1.26 -46.15 -2.06
N ALA A 39 -1.55 -45.96 -3.33
CA ALA A 39 -0.74 -45.09 -4.15
C ALA A 39 -0.86 -43.63 -3.65
N PHE A 40 -2.05 -43.26 -3.19
CA PHE A 40 -2.22 -41.91 -2.75
C PHE A 40 -1.51 -41.71 -1.44
N LEU A 41 -1.62 -42.65 -0.52
CA LEU A 41 -0.89 -42.50 0.76
C LEU A 41 0.62 -42.49 0.54
N HIS A 42 1.10 -43.20 -0.46
CA HIS A 42 2.50 -43.13 -0.81
C HIS A 42 2.86 -41.72 -1.31
N GLN A 43 2.01 -41.14 -2.16
CA GLN A 43 2.21 -39.75 -2.57
C GLN A 43 2.26 -38.73 -1.38
N ARG A 44 1.36 -38.90 -0.43
CA ARG A 44 1.34 -38.08 0.76
C ARG A 44 2.64 -38.16 1.49
N GLN A 45 3.09 -39.37 1.75
CA GLN A 45 4.38 -39.57 2.40
C GLN A 45 5.49 -38.86 1.62
N GLU A 46 5.48 -38.97 0.32
CA GLU A 46 6.56 -38.39 -0.52
C GLU A 46 6.48 -36.86 -0.46
N ILE A 47 5.26 -36.34 -0.42
CA ILE A 47 5.10 -34.89 -0.23
C ILE A 47 5.66 -34.47 1.13
N LEU A 48 5.30 -35.21 2.17
CA LEU A 48 5.76 -34.87 3.52
C LEU A 48 7.26 -34.94 3.65
N GLN A 49 7.96 -35.69 2.79
CA GLN A 49 9.42 -35.67 2.87
C GLN A 49 10.04 -34.32 2.47
N HIS A 50 9.31 -33.56 1.67
CA HIS A 50 9.79 -32.27 1.23
C HIS A 50 9.06 -31.09 1.83
N VAL A 51 7.84 -31.32 2.31
CA VAL A 51 7.01 -30.23 2.78
C VAL A 51 6.45 -30.54 4.14
N ASP A 52 6.77 -29.73 5.15
CA ASP A 52 6.10 -29.87 6.44
C ASP A 52 4.77 -29.14 6.27
N VAL A 53 3.75 -29.84 5.81
CA VAL A 53 2.56 -29.18 5.34
C VAL A 53 1.83 -28.43 6.46
N ILE A 54 1.72 -29.04 7.64
CA ILE A 54 1.06 -28.42 8.80
C ILE A 54 1.72 -27.12 9.19
N LYS A 55 3.05 -27.10 9.14
CA LYS A 55 3.77 -25.89 9.47
C LYS A 55 3.72 -24.88 8.35
N ASN A 56 3.96 -25.37 7.13
CA ASN A 56 4.07 -24.52 5.93
C ASN A 56 2.72 -23.83 5.62
N PHE A 57 1.66 -24.44 6.15
CA PHE A 57 0.33 -23.93 5.90
C PHE A 57 0.17 -22.47 6.28
N SER A 58 0.80 -22.07 7.39
CA SER A 58 0.72 -20.71 7.86
C SER A 58 1.81 -20.37 8.85
N LEU A 59 2.28 -19.13 8.76
CA LEU A 59 3.05 -18.54 9.85
C LEU A 59 2.12 -18.53 11.08
N THR A 60 2.71 -18.59 12.26
CA THR A 60 2.00 -18.49 13.50
C THR A 60 2.63 -17.38 14.36
N LYS A 61 1.93 -16.92 15.37
CA LYS A 61 2.45 -15.75 16.12
C LYS A 61 3.89 -15.99 16.55
N ASN A 62 4.17 -17.16 17.11
CA ASN A 62 5.45 -17.40 17.69
C ASN A 62 6.52 -17.78 16.69
N SER A 63 6.21 -17.83 15.39
CA SER A 63 7.24 -18.07 14.39
C SER A 63 7.81 -16.81 13.76
N VAL A 64 7.31 -15.63 14.14
CA VAL A 64 7.89 -14.36 13.68
C VAL A 64 8.13 -13.38 14.82
N ARG A 65 9.07 -12.49 14.61
CA ARG A 65 9.22 -11.38 15.53
C ARG A 65 8.52 -10.17 14.96
N ILE A 66 8.12 -9.26 15.84
CA ILE A 66 7.73 -7.93 15.46
C ILE A 66 8.90 -7.27 14.82
N GLY A 67 8.68 -6.73 13.62
CA GLY A 67 9.71 -5.98 12.88
C GLY A 67 10.46 -6.79 11.85
N GLN A 68 10.24 -8.11 11.87
CA GLN A 68 11.06 -9.04 11.08
C GLN A 68 10.90 -8.80 9.59
N LEU A 69 11.99 -8.77 8.84
CA LEU A 69 11.92 -8.56 7.41
C LEU A 69 11.75 -9.88 6.70
N MET A 70 10.67 -9.96 5.92
CA MET A 70 10.41 -11.10 5.08
C MET A 70 10.91 -10.80 3.70
N HIS A 71 11.41 -11.83 3.02
CA HIS A 71 11.70 -11.75 1.60
C HIS A 71 10.57 -12.42 0.88
N TYR A 72 10.56 -12.31 -0.45
CA TYR A 72 9.52 -12.85 -1.31
C TYR A 72 10.07 -14.03 -2.10
N ASP A 73 9.28 -15.09 -2.21
CA ASP A 73 9.74 -16.31 -2.93
C ASP A 73 10.18 -16.07 -4.39
N TYR A 74 9.40 -15.30 -5.15
CA TYR A 74 9.67 -15.18 -6.57
C TYR A 74 10.30 -13.86 -6.96
N SER A 75 10.83 -13.14 -5.98
CA SER A 75 11.43 -11.86 -6.21
C SER A 75 12.90 -11.89 -5.86
N SER A 76 13.64 -11.01 -6.47
CA SER A 76 14.98 -10.68 -6.02
C SER A 76 15.07 -10.47 -4.46
N HIS A 77 16.15 -10.94 -3.87
CA HIS A 77 16.41 -10.84 -2.45
C HIS A 77 16.32 -9.40 -1.88
N LYS A 78 16.54 -8.38 -2.68
CA LYS A 78 16.53 -6.99 -2.21
C LYS A 78 15.16 -6.48 -1.72
N TYR A 79 14.09 -7.13 -2.17
CA TYR A 79 12.72 -6.81 -1.80
C TYR A 79 12.39 -7.38 -0.43
N VAL A 80 11.84 -6.54 0.44
CA VAL A 80 11.47 -6.98 1.77
C VAL A 80 10.17 -6.38 2.27
N PHE A 81 9.64 -6.98 3.33
CA PHE A 81 8.42 -6.54 3.98
C PHE A 81 8.57 -6.77 5.48
N SER A 82 8.48 -5.69 6.25
CA SER A 82 8.57 -5.79 7.68
C SER A 82 7.22 -6.18 8.32
N ILE A 83 7.22 -7.23 9.12
CA ILE A 83 6.02 -7.65 9.89
C ILE A 83 5.69 -6.72 11.06
N SER A 84 4.60 -5.97 11.00
CA SER A 84 4.25 -5.08 12.14
C SER A 84 3.68 -5.86 13.32
N ASN A 85 3.51 -5.17 14.45
CA ASN A 85 2.70 -5.67 15.55
C ASN A 85 1.36 -6.14 15.04
N ASN A 86 0.75 -5.33 14.20
CA ASN A 86 -0.55 -5.62 13.71
C ASN A 86 -0.59 -6.84 12.86
N PHE A 87 0.34 -6.97 11.91
CA PHE A 87 0.35 -8.15 11.09
C PHE A 87 0.48 -9.37 12.02
N ARG A 88 1.37 -9.33 13.00
CA ARG A 88 1.58 -10.50 13.87
C ARG A 88 0.35 -10.91 14.65
N SER A 89 -0.43 -9.91 15.07
CA SER A 89 -1.62 -10.13 15.86
C SER A 89 -2.68 -10.79 15.00
N LEU A 90 -2.54 -10.77 13.66
CA LEU A 90 -3.48 -11.46 12.79
C LEU A 90 -3.13 -12.90 12.49
N LEU A 91 -2.01 -13.36 13.01
CA LEU A 91 -1.54 -14.69 12.70
C LEU A 91 -2.17 -15.64 13.68
N PRO A 92 -2.38 -16.87 13.26
CA PRO A 92 -2.96 -17.85 14.16
C PRO A 92 -1.96 -18.30 15.20
N ASP A 93 -2.45 -18.73 16.37
CA ASP A 93 -1.57 -19.23 17.41
C ASP A 93 -1.02 -20.60 17.06
N VAL A 94 -1.82 -21.44 16.43
CA VAL A 94 -1.40 -22.75 15.98
C VAL A 94 -1.93 -22.98 14.57
N SER A 95 -1.25 -23.82 13.81
CA SER A 95 -1.65 -24.10 12.45
C SER A 95 -3.11 -24.44 12.46
N PRO A 96 -3.88 -23.80 11.56
CA PRO A 96 -5.32 -24.14 11.45
C PRO A 96 -5.65 -25.53 10.98
N ILE A 97 -4.69 -26.23 10.41
CA ILE A 97 -4.91 -27.61 10.01
C ILE A 97 -4.25 -28.63 10.88
N MET A 98 -3.72 -28.23 12.02
CA MET A 98 -3.10 -29.20 12.93
C MET A 98 -4.15 -30.13 13.53
N ASN A 99 -3.80 -31.42 13.62
CA ASN A 99 -4.72 -32.47 13.93
C ASN A 99 -6.08 -32.45 13.24
N LYS A 100 -6.16 -31.88 12.04
CA LYS A 100 -7.35 -31.99 11.18
C LYS A 100 -7.23 -33.10 10.11
N HIS A 101 -8.36 -33.77 9.92
CA HIS A 101 -8.48 -34.87 9.00
C HIS A 101 -9.81 -34.77 8.33
N TYR A 102 -9.80 -34.74 7.01
CA TYR A 102 -11.01 -34.88 6.26
C TYR A 102 -10.96 -36.05 5.33
N ASN A 103 -12.09 -36.72 5.17
CA ASN A 103 -12.10 -37.90 4.35
C ASN A 103 -12.08 -37.52 2.87
N ILE A 104 -13.17 -36.93 2.35
CA ILE A 104 -13.24 -36.58 0.94
C ILE A 104 -13.07 -35.07 0.86
N CYS A 105 -12.04 -34.62 0.12
CA CYS A 105 -11.84 -33.23 -0.12
C CYS A 105 -12.11 -32.94 -1.57
N ALA A 106 -12.71 -31.81 -1.84
CA ALA A 106 -12.79 -31.30 -3.15
C ALA A 106 -11.78 -30.19 -3.23
N VAL A 107 -11.01 -30.14 -4.29
CA VAL A 107 -10.22 -28.97 -4.57
C VAL A 107 -10.77 -28.39 -5.88
N VAL A 108 -11.28 -27.18 -5.81
CA VAL A 108 -11.93 -26.54 -6.95
C VAL A 108 -11.10 -25.43 -7.52
N GLY A 109 -10.62 -25.65 -8.71
CA GLY A 109 -9.94 -24.65 -9.50
C GLY A 109 -10.98 -23.86 -10.28
N ASN A 110 -10.54 -22.89 -11.06
CA ASN A 110 -11.48 -21.92 -11.57
C ASN A 110 -11.80 -22.01 -13.03
N SER A 111 -11.52 -23.16 -13.65
CA SER A 111 -11.73 -23.32 -15.07
C SER A 111 -13.17 -23.16 -15.51
N GLY A 112 -13.32 -22.61 -16.69
CA GLY A 112 -14.60 -22.55 -17.39
C GLY A 112 -15.29 -23.86 -17.64
N ILE A 113 -14.56 -24.95 -17.48
CA ILE A 113 -15.17 -26.26 -17.63
C ILE A 113 -16.28 -26.55 -16.60
N LEU A 114 -16.30 -25.80 -15.49
CA LEU A 114 -17.34 -26.05 -14.50
C LEU A 114 -18.72 -25.55 -14.94
N THR A 115 -18.75 -24.56 -15.84
CA THR A 115 -20.01 -23.98 -16.33
C THR A 115 -20.90 -25.03 -17.01
N GLY A 116 -22.13 -25.17 -16.54
CA GLY A 116 -23.06 -26.20 -16.99
C GLY A 116 -22.73 -27.60 -16.52
N SER A 117 -21.79 -27.75 -15.58
CA SER A 117 -21.39 -29.11 -15.13
C SER A 117 -22.34 -29.73 -14.12
N GLN A 118 -23.08 -28.88 -13.40
CA GLN A 118 -23.94 -29.32 -12.31
C GLN A 118 -23.17 -30.15 -11.30
N CYS A 119 -21.93 -29.76 -11.03
CA CYS A 119 -21.11 -30.46 -10.04
C CYS A 119 -21.33 -29.95 -8.62
N GLY A 120 -22.18 -28.93 -8.47
CA GLY A 120 -22.42 -28.29 -7.18
C GLY A 120 -22.70 -29.27 -6.06
N GLN A 121 -23.65 -30.15 -6.30
CA GLN A 121 -24.11 -31.06 -5.28
C GLN A 121 -23.03 -32.04 -4.86
N GLU A 122 -22.27 -32.53 -5.83
CA GLU A 122 -21.23 -33.49 -5.56
C GLU A 122 -20.06 -32.82 -4.82
N ILE A 123 -19.76 -31.58 -5.20
CA ILE A 123 -18.73 -30.81 -4.51
C ILE A 123 -19.14 -30.58 -3.07
N ASP A 124 -20.40 -30.24 -2.84
CA ASP A 124 -20.84 -29.88 -1.48
C ASP A 124 -20.95 -31.07 -0.55
N LYS A 125 -21.12 -32.25 -1.13
CA LYS A 125 -21.10 -33.51 -0.39
C LYS A 125 -19.70 -33.81 0.22
N SER A 126 -18.62 -33.20 -0.27
CA SER A 126 -17.30 -33.40 0.30
C SER A 126 -17.26 -32.99 1.74
N ASP A 127 -16.33 -33.58 2.48
CA ASP A 127 -16.11 -33.16 3.85
C ASP A 127 -15.42 -31.80 3.93
N PHE A 128 -14.68 -31.42 2.89
CA PHE A 128 -13.95 -30.20 2.96
C PHE A 128 -13.76 -29.71 1.57
N VAL A 129 -14.07 -28.43 1.31
CA VAL A 129 -13.90 -27.85 -0.01
C VAL A 129 -12.86 -26.73 0.00
N PHE A 130 -11.82 -26.89 -0.82
CA PHE A 130 -10.83 -25.82 -1.05
C PHE A 130 -11.24 -25.08 -2.31
N ARG A 131 -11.26 -23.74 -2.27
CA ARG A 131 -11.45 -22.93 -3.47
C ARG A 131 -10.28 -21.99 -3.63
N CYS A 132 -10.19 -21.40 -4.82
CA CYS A 132 -9.03 -20.58 -5.25
C CYS A 132 -9.40 -19.13 -5.50
N ASN A 133 -8.59 -18.23 -4.95
CA ASN A 133 -8.68 -16.78 -5.20
C ASN A 133 -10.05 -16.15 -5.04
N PHE A 134 -10.76 -16.58 -3.97
CA PHE A 134 -11.98 -15.87 -3.56
C PHE A 134 -13.02 -15.95 -4.64
N ALA A 135 -13.02 -17.05 -5.39
CA ALA A 135 -13.94 -17.20 -6.50
C ALA A 135 -15.34 -17.16 -6.01
N PRO A 136 -16.22 -16.61 -6.82
CA PRO A 136 -17.62 -16.55 -6.43
C PRO A 136 -18.36 -17.88 -6.55
N THR A 137 -19.27 -18.14 -5.62
CA THR A 137 -20.05 -19.37 -5.59
C THR A 137 -21.54 -19.12 -5.63
N GLU A 138 -22.01 -18.06 -4.99
CA GLU A 138 -23.44 -17.84 -4.83
C GLU A 138 -24.10 -17.95 -6.21
N ALA A 139 -23.56 -17.17 -7.15
CA ALA A 139 -24.13 -17.01 -8.48
C ALA A 139 -24.02 -18.26 -9.30
N PHE A 140 -23.20 -19.23 -8.85
CA PHE A 140 -22.88 -20.39 -9.62
C PHE A 140 -23.07 -21.68 -8.84
N GLN A 141 -23.84 -21.66 -7.75
CA GLN A 141 -24.03 -22.85 -6.85
C GLN A 141 -24.31 -24.15 -7.55
N ARG A 142 -25.15 -24.10 -8.58
CA ARG A 142 -25.56 -25.33 -9.24
C ARG A 142 -24.33 -26.06 -9.77
N ASP A 143 -23.40 -25.31 -10.32
CA ASP A 143 -22.21 -25.84 -10.91
C ASP A 143 -20.99 -26.05 -9.97
N VAL A 144 -20.73 -25.12 -9.05
CA VAL A 144 -19.50 -25.15 -8.26
C VAL A 144 -19.72 -25.41 -6.76
N GLY A 145 -20.98 -25.39 -6.34
CA GLY A 145 -21.36 -25.64 -4.98
C GLY A 145 -21.41 -24.36 -4.20
N ARG A 146 -21.91 -24.45 -2.98
CA ARG A 146 -21.81 -23.34 -2.04
C ARG A 146 -20.99 -23.65 -0.79
N LYS A 147 -20.41 -24.85 -0.69
CA LYS A 147 -19.60 -25.18 0.50
C LYS A 147 -18.18 -24.69 0.28
N THR A 148 -17.68 -23.91 1.23
CA THR A 148 -16.32 -23.41 1.21
C THR A 148 -15.72 -23.49 2.60
N ASN A 149 -14.67 -24.28 2.77
CA ASN A 149 -13.95 -24.36 4.03
C ASN A 149 -12.59 -23.71 3.95
N LEU A 150 -12.08 -23.49 2.75
CA LEU A 150 -10.92 -22.64 2.55
C LEU A 150 -10.99 -21.98 1.21
N THR A 151 -10.66 -20.70 1.17
CA THR A 151 -10.43 -20.08 -0.10
C THR A 151 -9.14 -19.33 -0.05
N THR A 152 -8.38 -19.34 -1.15
CA THR A 152 -7.14 -18.56 -1.22
C THR A 152 -7.41 -17.12 -1.68
N PHE A 153 -6.43 -16.27 -1.45
CA PHE A 153 -6.59 -14.86 -1.72
C PHE A 153 -5.27 -14.32 -2.22
N ASN A 154 -5.00 -14.45 -3.53
CA ASN A 154 -3.90 -13.68 -4.11
C ASN A 154 -4.13 -12.21 -3.80
N PRO A 155 -3.10 -11.52 -3.28
CA PRO A 155 -3.35 -10.16 -2.86
C PRO A 155 -3.84 -9.25 -3.96
N SER A 156 -3.49 -9.55 -5.21
CA SER A 156 -3.94 -8.76 -6.30
C SER A 156 -5.48 -8.66 -6.36
N ILE A 157 -6.17 -9.62 -5.77
CA ILE A 157 -7.61 -9.57 -5.73
C ILE A 157 -8.16 -8.28 -5.10
N LEU A 158 -7.53 -7.82 -4.05
CA LEU A 158 -7.97 -6.58 -3.42
C LEU A 158 -7.85 -5.39 -4.33
N GLU A 159 -6.81 -5.35 -5.17
CA GLU A 159 -6.65 -4.23 -6.13
C GLU A 159 -7.67 -4.41 -7.26
N LYS A 160 -7.77 -5.60 -7.79
CA LYS A 160 -8.52 -5.84 -8.99
C LYS A 160 -10.03 -5.72 -8.76
N TYR A 161 -10.54 -6.23 -7.66
CA TYR A 161 -11.99 -6.26 -7.41
C TYR A 161 -12.48 -5.34 -6.29
N TYR A 162 -11.59 -4.94 -5.37
CA TYR A 162 -11.97 -4.16 -4.20
C TYR A 162 -11.25 -2.80 -4.09
N ASN A 163 -10.52 -2.40 -5.14
CA ASN A 163 -10.01 -1.03 -5.29
C ASN A 163 -9.15 -0.64 -4.11
N ASN A 164 -8.44 -1.62 -3.59
CA ASN A 164 -7.66 -1.39 -2.41
C ASN A 164 -8.39 -0.82 -1.20
N LEU A 165 -9.69 -1.05 -1.10
CA LEU A 165 -10.48 -0.61 0.04
C LEU A 165 -10.39 0.88 0.24
N LEU A 166 -10.34 1.61 -0.86
CA LEU A 166 -10.15 3.05 -0.82
C LEU A 166 -11.44 3.75 -0.46
N THR A 167 -12.58 3.20 -0.86
CA THR A 167 -13.86 3.82 -0.54
C THR A 167 -14.70 3.05 0.43
N ILE A 168 -15.70 3.76 0.94
CA ILE A 168 -16.66 3.18 1.81
C ILE A 168 -17.36 1.99 1.11
N GLN A 169 -17.68 2.14 -0.15
CA GLN A 169 -18.45 1.12 -0.81
C GLN A 169 -17.59 -0.12 -1.02
N ASP A 170 -16.30 0.05 -1.32
CA ASP A 170 -15.43 -1.10 -1.50
C ASP A 170 -15.21 -1.83 -0.22
N ARG A 171 -15.09 -1.07 0.85
CA ARG A 171 -14.97 -1.62 2.19
C ARG A 171 -16.21 -2.39 2.56
N ASN A 172 -17.38 -1.81 2.28
CA ASN A 172 -18.60 -2.54 2.59
C ASN A 172 -18.65 -3.79 1.76
N ASN A 173 -18.21 -3.71 0.51
CA ASN A 173 -18.37 -4.80 -0.43
C ASN A 173 -17.48 -5.99 -0.02
N PHE A 174 -16.28 -5.66 0.44
CA PHE A 174 -15.36 -6.65 0.93
C PHE A 174 -15.86 -7.23 2.21
N PHE A 175 -16.41 -6.39 3.06
CA PHE A 175 -16.89 -6.89 4.34
C PHE A 175 -17.97 -7.93 4.12
N LEU A 176 -18.94 -7.65 3.26
CA LEU A 176 -20.01 -8.61 3.00
C LEU A 176 -19.48 -9.92 2.43
N SER A 177 -18.54 -9.85 1.49
CA SER A 177 -17.99 -11.08 0.94
C SER A 177 -17.33 -11.93 2.02
N LEU A 178 -16.60 -11.28 2.92
CA LEU A 178 -15.96 -11.99 4.01
C LEU A 178 -16.97 -12.63 4.98
N LYS A 179 -18.03 -11.89 5.32
CA LYS A 179 -19.06 -12.38 6.23
C LYS A 179 -19.69 -13.63 5.62
N LYS A 180 -19.93 -13.61 4.31
CA LYS A 180 -20.48 -14.80 3.63
C LYS A 180 -19.59 -16.03 3.70
N LEU A 181 -18.31 -15.87 4.00
CA LEU A 181 -17.39 -16.99 4.20
C LEU A 181 -17.49 -17.64 5.55
N ASP A 182 -18.27 -17.04 6.46
CA ASP A 182 -18.49 -17.62 7.76
C ASP A 182 -17.14 -17.99 8.39
N GLY A 183 -17.01 -19.20 8.92
CA GLY A 183 -15.82 -19.59 9.63
C GLY A 183 -14.80 -20.27 8.74
N ALA A 184 -14.91 -20.14 7.42
CA ALA A 184 -13.87 -20.69 6.56
C ALA A 184 -12.50 -20.05 6.74
N ILE A 185 -11.50 -20.72 6.18
CA ILE A 185 -10.13 -20.25 6.22
C ILE A 185 -9.86 -19.38 4.99
N LEU A 186 -9.31 -18.20 5.22
CA LEU A 186 -8.88 -17.33 4.13
C LEU A 186 -7.33 -17.40 4.05
N TRP A 187 -6.82 -18.02 3.00
CA TRP A 187 -5.42 -18.33 2.87
C TRP A 187 -4.80 -17.33 1.92
N ILE A 188 -3.98 -16.46 2.49
CA ILE A 188 -3.44 -15.29 1.86
C ILE A 188 -1.95 -15.39 1.65
N PRO A 189 -1.49 -15.69 0.44
CA PRO A 189 -0.07 -15.73 0.22
C PRO A 189 0.49 -14.35 -0.09
N ALA A 190 1.01 -13.72 0.93
CA ALA A 190 1.55 -12.36 0.84
C ALA A 190 3.04 -12.27 0.58
N PHE A 191 3.76 -13.39 0.62
CA PHE A 191 5.19 -13.33 0.55
C PHE A 191 5.81 -14.05 -0.65
N PHE A 192 5.04 -14.19 -1.72
CA PHE A 192 5.56 -14.82 -2.90
C PHE A 192 6.09 -13.80 -3.86
N PHE A 193 5.42 -12.65 -3.97
CA PHE A 193 5.91 -11.59 -4.86
C PHE A 193 5.73 -10.20 -4.26
N HIS A 194 6.71 -9.36 -4.55
CA HIS A 194 6.84 -8.08 -3.87
C HIS A 194 5.71 -7.07 -4.16
N THR A 195 5.00 -7.25 -5.26
CA THR A 195 3.82 -6.45 -5.58
C THR A 195 2.66 -6.63 -4.54
N SER A 196 2.73 -7.61 -3.68
CA SER A 196 1.73 -7.80 -2.66
C SER A 196 1.91 -6.83 -1.47
N ALA A 197 3.04 -6.14 -1.43
CA ALA A 197 3.37 -5.35 -0.24
C ALA A 197 2.25 -4.40 0.19
N THR A 198 1.77 -3.59 -0.73
CA THR A 198 0.85 -2.53 -0.38
C THR A 198 -0.50 -3.13 -0.02
N VAL A 199 -0.97 -4.11 -0.80
CA VAL A 199 -2.22 -4.70 -0.45
C VAL A 199 -2.13 -5.33 0.92
N THR A 200 -1.01 -5.93 1.25
CA THR A 200 -0.89 -6.56 2.57
C THR A 200 -1.13 -5.57 3.70
N ARG A 201 -0.57 -4.37 3.58
CA ARG A 201 -0.79 -3.30 4.58
C ARG A 201 -2.24 -2.92 4.70
N THR A 202 -2.91 -2.79 3.57
CA THR A 202 -4.29 -2.49 3.54
C THR A 202 -5.11 -3.59 4.20
N LEU A 203 -4.83 -4.86 3.87
CA LEU A 203 -5.50 -5.97 4.48
C LEU A 203 -5.29 -6.00 5.97
N VAL A 204 -4.04 -5.87 6.41
CA VAL A 204 -3.76 -5.94 7.83
C VAL A 204 -4.59 -4.86 8.58
N ASP A 205 -4.56 -3.61 8.10
CA ASP A 205 -5.33 -2.54 8.74
C ASP A 205 -6.82 -2.83 8.76
N PHE A 206 -7.35 -3.44 7.70
CA PHE A 206 -8.80 -3.70 7.60
C PHE A 206 -9.20 -4.76 8.59
N PHE A 207 -8.40 -5.82 8.67
CA PHE A 207 -8.65 -6.92 9.61
C PHE A 207 -8.41 -6.51 11.05
N VAL A 208 -7.39 -5.72 11.31
CA VAL A 208 -7.33 -5.18 12.70
C VAL A 208 -8.58 -4.35 13.03
N GLU A 209 -8.94 -3.43 12.12
CA GLU A 209 -10.07 -2.54 12.32
C GLU A 209 -11.37 -3.29 12.57
N HIS A 210 -11.55 -4.44 11.90
CA HIS A 210 -12.76 -5.22 12.01
C HIS A 210 -12.61 -6.49 12.85
N ARG A 211 -11.57 -6.52 13.68
CA ARG A 211 -11.35 -7.63 14.60
C ARG A 211 -12.58 -7.85 15.46
N GLY A 212 -12.99 -9.07 15.64
CA GLY A 212 -14.16 -9.33 16.44
C GLY A 212 -15.44 -9.38 15.64
N GLN A 213 -15.48 -8.81 14.44
CA GLN A 213 -16.70 -8.81 13.63
C GLN A 213 -16.81 -9.90 12.56
N LEU A 214 -15.81 -10.75 12.42
CA LEU A 214 -15.74 -11.71 11.36
C LEU A 214 -15.25 -13.01 11.97
N LYS A 215 -15.74 -14.12 11.44
CA LYS A 215 -15.36 -15.44 11.89
C LYS A 215 -14.34 -16.09 11.00
N VAL A 216 -14.00 -15.45 9.91
CA VAL A 216 -13.02 -16.03 8.99
C VAL A 216 -11.71 -16.35 9.73
N GLN A 217 -11.11 -17.52 9.46
CA GLN A 217 -9.81 -17.81 10.07
C GLN A 217 -8.73 -17.41 9.08
N LEU A 218 -7.93 -16.45 9.43
CA LEU A 218 -6.86 -16.00 8.51
C LEU A 218 -5.73 -16.95 8.54
N ALA A 219 -5.14 -17.23 7.39
CA ALA A 219 -3.90 -18.02 7.38
C ALA A 219 -2.93 -17.34 6.45
N TRP A 220 -1.67 -17.30 6.84
CA TRP A 220 -0.67 -16.54 6.11
C TRP A 220 0.60 -17.34 5.87
N PRO A 221 0.64 -18.12 4.79
CA PRO A 221 1.87 -18.85 4.56
C PRO A 221 3.10 -17.95 4.35
N GLY A 222 4.24 -18.41 4.84
CA GLY A 222 5.50 -17.75 4.62
C GLY A 222 6.13 -18.13 3.30
N ASN A 223 7.46 -18.19 3.33
CA ASN A 223 8.27 -18.56 2.18
C ASN A 223 8.28 -20.05 2.02
N ILE A 224 7.23 -20.61 1.45
CA ILE A 224 7.15 -22.06 1.40
C ILE A 224 7.50 -22.68 0.04
N MET A 225 7.64 -21.88 -0.99
CA MET A 225 7.72 -22.41 -2.32
C MET A 225 9.00 -23.16 -2.63
N GLN A 226 10.12 -22.81 -2.00
CA GLN A 226 11.33 -23.65 -2.14
C GLN A 226 11.09 -25.09 -1.65
N HIS A 227 10.16 -25.27 -0.73
CA HIS A 227 9.90 -26.62 -0.25
C HIS A 227 8.87 -27.31 -1.14
N VAL A 228 7.80 -26.60 -1.46
CA VAL A 228 6.78 -27.17 -2.34
C VAL A 228 7.35 -27.51 -3.73
N ASN A 229 8.20 -26.66 -4.29
CA ASN A 229 8.87 -26.96 -5.56
C ASN A 229 9.61 -28.24 -5.57
N ARG A 230 10.26 -28.57 -4.43
CA ARG A 230 11.10 -29.78 -4.34
C ARG A 230 10.31 -31.03 -4.68
N TYR A 231 9.11 -31.15 -4.17
CA TYR A 231 8.32 -32.35 -4.50
C TYR A 231 8.03 -32.41 -6.00
N TRP A 232 7.55 -31.30 -6.57
CA TRP A 232 7.08 -31.31 -7.95
C TRP A 232 8.23 -31.33 -8.96
N LYS A 233 9.42 -30.94 -8.52
CA LYS A 233 10.64 -31.08 -9.35
C LYS A 233 10.91 -32.56 -9.67
N ASN A 234 10.65 -33.48 -8.74
CA ASN A 234 10.87 -34.93 -8.99
C ASN A 234 9.87 -35.55 -9.93
N LYS A 235 8.70 -34.93 -10.05
CA LYS A 235 7.74 -35.37 -11.03
C LYS A 235 7.94 -34.67 -12.38
N HIS A 236 9.09 -34.01 -12.56
CA HIS A 236 9.47 -33.37 -13.82
C HIS A 236 8.59 -32.19 -14.18
N LEU A 237 8.12 -31.50 -13.15
CA LEU A 237 7.33 -30.30 -13.27
C LEU A 237 8.06 -29.20 -12.53
N SER A 238 8.64 -28.23 -13.25
CA SER A 238 9.11 -27.03 -12.59
C SER A 238 9.02 -25.78 -13.46
N PRO A 239 7.86 -25.12 -13.42
CA PRO A 239 7.68 -23.83 -14.08
C PRO A 239 8.23 -22.65 -13.27
N LYS A 240 8.16 -21.43 -13.82
CA LYS A 240 8.50 -20.25 -13.04
C LYS A 240 7.73 -20.33 -11.71
N ARG A 241 6.41 -20.56 -11.76
CA ARG A 241 5.56 -20.57 -10.54
C ARG A 241 4.53 -21.66 -10.61
N LEU A 242 4.51 -22.52 -9.60
CA LEU A 242 3.41 -23.47 -9.44
C LEU A 242 2.09 -22.70 -9.27
N SER A 243 1.00 -23.25 -9.84
CA SER A 243 -0.32 -22.59 -9.69
C SER A 243 -0.92 -22.81 -8.31
N THR A 244 -1.86 -21.94 -7.95
CA THR A 244 -2.59 -22.05 -6.71
C THR A 244 -3.29 -23.40 -6.60
N GLY A 245 -3.84 -23.90 -7.71
CA GLY A 245 -4.52 -25.20 -7.69
C GLY A 245 -3.64 -26.32 -7.19
N ILE A 246 -2.41 -26.42 -7.71
CA ILE A 246 -1.52 -27.48 -7.40
C ILE A 246 -0.88 -27.29 -6.04
N LEU A 247 -0.72 -26.05 -5.64
CA LEU A 247 -0.38 -25.70 -4.29
C LEU A 247 -1.49 -26.18 -3.32
N MET A 248 -2.75 -25.97 -3.64
CA MET A 248 -3.83 -26.55 -2.78
C MET A 248 -3.84 -28.09 -2.78
N TYR A 249 -3.65 -28.73 -3.93
CA TYR A 249 -3.51 -30.20 -3.95
C TYR A 249 -2.42 -30.64 -2.99
N THR A 250 -1.32 -29.93 -3.00
CA THR A 250 -0.17 -30.30 -2.18
C THR A 250 -0.50 -30.30 -0.67
N LEU A 251 -1.16 -29.25 -0.22
CA LEU A 251 -1.53 -29.16 1.16
C LEU A 251 -2.66 -30.12 1.47
N ALA A 252 -3.62 -30.27 0.55
CA ALA A 252 -4.72 -31.18 0.82
C ALA A 252 -4.23 -32.57 1.07
N SER A 253 -3.15 -32.94 0.41
CA SER A 253 -2.63 -34.31 0.49
C SER A 253 -2.30 -34.67 1.90
N ALA A 254 -1.89 -33.71 2.72
CA ALA A 254 -1.56 -34.02 4.10
C ALA A 254 -2.77 -34.32 4.98
N ILE A 255 -3.91 -33.70 4.70
CA ILE A 255 -5.07 -33.75 5.60
C ILE A 255 -6.34 -34.37 5.03
N CYS A 256 -6.31 -34.74 3.74
CA CYS A 256 -7.41 -35.41 3.08
C CYS A 256 -7.05 -36.85 2.78
N GLU A 257 -8.03 -37.74 2.93
CA GLU A 257 -7.87 -39.14 2.62
C GLU A 257 -8.08 -39.44 1.10
N GLU A 258 -8.84 -38.60 0.42
CA GLU A 258 -9.19 -38.78 -0.96
C GLU A 258 -9.53 -37.39 -1.51
N ILE A 259 -8.77 -36.98 -2.54
CA ILE A 259 -8.91 -35.69 -3.17
C ILE A 259 -9.62 -35.84 -4.50
N HIS A 260 -10.62 -34.99 -4.73
CA HIS A 260 -11.37 -34.96 -5.96
C HIS A 260 -11.18 -33.56 -6.52
N LEU A 261 -10.61 -33.48 -7.72
CA LEU A 261 -10.32 -32.23 -8.38
C LEU A 261 -11.47 -31.82 -9.32
N TYR A 262 -11.80 -30.53 -9.29
CA TYR A 262 -12.78 -29.92 -10.15
C TYR A 262 -12.21 -28.62 -10.61
N GLY A 263 -12.56 -28.20 -11.81
CA GLY A 263 -12.16 -26.89 -12.32
C GLY A 263 -10.70 -26.78 -12.74
N PHE A 264 -10.11 -27.93 -13.00
CA PHE A 264 -8.73 -28.02 -13.47
C PHE A 264 -8.81 -28.40 -14.94
N TRP A 265 -8.57 -27.42 -15.80
CA TRP A 265 -8.69 -27.60 -17.25
C TRP A 265 -8.28 -26.24 -17.87
N PRO A 266 -6.98 -26.08 -18.09
CA PRO A 266 -6.44 -24.80 -18.49
C PRO A 266 -6.34 -24.70 -19.97
N PHE A 267 -7.45 -25.02 -20.64
CA PHE A 267 -7.53 -24.91 -22.08
C PHE A 267 -8.79 -24.13 -22.47
N GLY A 268 -8.81 -23.61 -23.69
CA GLY A 268 -9.90 -22.72 -24.09
C GLY A 268 -11.02 -23.37 -24.87
N PHE A 269 -11.07 -24.69 -24.86
CA PHE A 269 -12.13 -25.44 -25.53
C PHE A 269 -12.68 -26.49 -24.55
N ASP A 270 -13.94 -26.83 -24.67
CA ASP A 270 -14.55 -27.87 -23.83
C ASP A 270 -14.05 -29.16 -24.38
N PRO A 271 -13.53 -30.08 -23.53
CA PRO A 271 -12.95 -31.31 -24.06
C PRO A 271 -13.93 -32.17 -24.83
N ASN A 272 -15.23 -32.02 -24.55
CA ASN A 272 -16.24 -32.81 -25.30
C ASN A 272 -16.81 -32.13 -26.55
N THR A 273 -17.54 -31.04 -26.34
CA THR A 273 -18.16 -30.31 -27.47
C THR A 273 -17.15 -29.46 -28.26
N ARG A 274 -16.02 -29.09 -27.65
CA ARG A 274 -15.03 -28.25 -28.29
C ARG A 274 -15.42 -26.79 -28.41
N GLU A 275 -16.50 -26.37 -27.76
CA GLU A 275 -16.93 -24.97 -27.82
C GLU A 275 -15.98 -24.13 -27.03
N ASP A 276 -15.79 -22.89 -27.44
CA ASP A 276 -14.97 -21.92 -26.69
C ASP A 276 -15.35 -22.00 -25.22
N LEU A 277 -14.33 -22.00 -24.38
CA LEU A 277 -14.50 -21.90 -22.96
C LEU A 277 -13.71 -20.70 -22.46
N PRO A 278 -14.32 -19.91 -21.58
CA PRO A 278 -13.50 -18.92 -20.91
C PRO A 278 -12.46 -19.58 -19.97
N TYR A 279 -11.40 -18.84 -19.67
CA TYR A 279 -10.39 -19.29 -18.72
C TYR A 279 -10.98 -19.53 -17.31
N HIS A 280 -11.89 -18.68 -16.87
CA HIS A 280 -12.53 -18.82 -15.57
C HIS A 280 -14.01 -19.05 -15.72
N TYR A 281 -14.63 -19.80 -14.81
CA TYR A 281 -16.07 -20.08 -14.91
C TYR A 281 -16.93 -18.87 -14.65
N TYR A 282 -16.39 -17.82 -14.02
CA TYR A 282 -17.15 -16.60 -13.77
C TYR A 282 -16.72 -15.47 -14.71
N ASP A 283 -16.09 -15.78 -15.84
CA ASP A 283 -15.97 -14.80 -16.90
C ASP A 283 -17.27 -14.83 -17.65
N LYS A 284 -17.64 -13.62 -18.07
CA LYS A 284 -18.70 -13.38 -19.02
C LYS A 284 -18.63 -14.47 -20.10
N LYS A 285 -19.73 -15.20 -20.29
CA LYS A 285 -19.85 -16.11 -21.43
C LYS A 285 -19.53 -15.27 -22.65
N GLY A 286 -18.69 -15.83 -23.53
CA GLY A 286 -18.04 -15.09 -24.61
C GLY A 286 -16.53 -14.99 -24.45
N THR A 287 -16.06 -14.42 -23.34
CA THR A 287 -14.63 -14.11 -23.13
C THR A 287 -13.58 -15.08 -23.76
N LYS A 288 -12.70 -14.50 -24.56
CA LYS A 288 -11.56 -15.19 -25.17
C LYS A 288 -10.59 -15.67 -24.05
N PHE A 289 -9.92 -16.78 -24.27
CA PHE A 289 -8.86 -17.28 -23.38
C PHE A 289 -7.72 -16.27 -23.17
N GLU A 295 2.82 -16.95 -19.13
CA GLU A 295 3.44 -15.81 -18.51
C GLU A 295 4.47 -16.31 -17.49
N SER A 296 3.98 -16.99 -16.46
CA SER A 296 4.83 -17.65 -15.43
C SER A 296 4.41 -19.11 -15.11
N HIS A 297 3.20 -19.49 -15.50
CA HIS A 297 2.75 -20.85 -15.29
C HIS A 297 2.93 -21.70 -16.52
N GLN A 298 3.04 -22.99 -16.26
CA GLN A 298 3.03 -23.99 -17.29
C GLN A 298 1.82 -24.81 -16.91
N LEU A 299 0.63 -24.23 -17.00
CA LEU A 299 -0.57 -24.94 -16.53
C LEU A 299 -0.87 -26.25 -17.29
N PRO A 300 -0.64 -26.28 -18.61
CA PRO A 300 -0.74 -27.53 -19.33
C PRO A 300 0.12 -28.67 -18.76
N ALA A 301 1.39 -28.43 -18.52
CA ALA A 301 2.24 -29.43 -17.88
C ALA A 301 1.63 -29.83 -16.54
N GLU A 302 1.11 -28.89 -15.78
CA GLU A 302 0.46 -29.24 -14.50
C GLU A 302 -0.73 -30.16 -14.75
N PHE A 303 -1.58 -29.76 -15.68
CA PHE A 303 -2.70 -30.60 -16.03
C PHE A 303 -2.29 -32.01 -16.49
N GLN A 304 -1.32 -32.15 -17.39
CA GLN A 304 -0.99 -33.47 -17.87
C GLN A 304 -0.49 -34.33 -16.72
N LEU A 305 0.24 -33.71 -15.79
CA LEU A 305 0.73 -34.44 -14.64
C LEU A 305 -0.47 -34.89 -13.75
N LEU A 306 -1.43 -34.01 -13.48
CA LEU A 306 -2.64 -34.40 -12.72
C LEU A 306 -3.51 -35.45 -13.41
N TYR A 307 -3.61 -35.40 -14.73
CA TYR A 307 -4.35 -36.41 -15.50
C TYR A 307 -3.69 -37.73 -15.35
N ARG A 308 -2.37 -37.74 -15.49
CA ARG A 308 -1.56 -38.92 -15.18
C ARG A 308 -1.90 -39.48 -13.78
N MET A 309 -1.87 -38.63 -12.77
CA MET A 309 -2.20 -39.08 -11.42
C MET A 309 -3.59 -39.65 -11.32
N HIS A 310 -4.52 -39.00 -12.04
CA HIS A 310 -5.88 -39.50 -12.17
C HIS A 310 -5.89 -40.93 -12.66
N GLY A 311 -5.14 -41.19 -13.73
CA GLY A 311 -5.12 -42.52 -14.32
C GLY A 311 -4.52 -43.58 -13.40
N GLU A 312 -3.59 -43.17 -12.55
CA GLU A 312 -2.97 -44.05 -11.55
C GLU A 312 -3.86 -44.22 -10.29
N GLY A 313 -5.03 -43.58 -10.24
CA GLY A 313 -5.89 -43.68 -9.07
C GLY A 313 -5.51 -42.83 -7.87
N LEU A 314 -4.54 -41.93 -8.02
CA LEU A 314 -4.14 -41.04 -6.92
C LEU A 314 -5.21 -40.07 -6.51
N THR A 315 -6.00 -39.62 -7.48
CA THR A 315 -6.90 -38.47 -7.35
C THR A 315 -7.93 -38.53 -8.50
N LYS A 316 -9.07 -37.89 -8.33
CA LYS A 316 -10.09 -37.97 -9.36
C LYS A 316 -10.24 -36.58 -9.96
N LEU A 317 -9.91 -36.50 -11.23
CA LEU A 317 -10.01 -35.31 -11.97
C LEU A 317 -11.33 -35.41 -12.74
N THR A 318 -12.25 -34.49 -12.49
CA THR A 318 -13.51 -34.42 -13.16
C THR A 318 -13.39 -33.41 -14.31
N LEU A 319 -13.71 -33.88 -15.51
CA LEU A 319 -13.67 -33.09 -16.76
C LEU A 319 -15.03 -33.06 -17.49
N SER A 320 -16.08 -33.52 -16.84
CA SER A 320 -17.37 -33.67 -17.50
C SER A 320 -18.48 -33.10 -16.63
N HIS A 321 -19.69 -33.15 -17.14
CA HIS A 321 -20.85 -32.87 -16.33
C HIS A 321 -20.93 -33.92 -15.24
N CYS A 322 -21.22 -33.50 -14.02
CA CYS A 322 -21.56 -34.41 -12.93
C CYS A 322 -23.02 -34.91 -13.05
N ALA A 323 -23.85 -34.17 -13.79
CA ALA A 323 -25.27 -34.54 -14.02
C ALA A 323 -25.78 -34.02 -15.37
N TRP B 33 14.98 46.35 -1.16
CA TRP B 33 13.61 45.97 -0.66
C TRP B 33 13.51 46.31 0.83
N LYS B 34 12.41 46.94 1.20
CA LYS B 34 12.24 47.38 2.56
C LYS B 34 11.00 46.71 3.11
N PHE B 35 11.22 45.93 4.15
CA PHE B 35 10.16 45.31 4.93
C PHE B 35 9.18 46.36 5.46
N ASN B 36 7.88 46.11 5.31
CA ASN B 36 6.82 46.91 5.96
C ASN B 36 6.23 46.01 7.04
N ARG B 37 6.83 46.10 8.24
CA ARG B 37 6.45 45.28 9.37
C ARG B 37 4.94 45.43 9.69
N THR B 38 4.45 46.66 9.65
CA THR B 38 3.06 46.96 9.96
C THR B 38 2.10 46.23 9.03
N ALA B 39 2.42 46.25 7.73
CA ALA B 39 1.60 45.54 6.76
C ALA B 39 1.67 44.02 7.00
N PHE B 40 2.84 43.55 7.40
CA PHE B 40 2.99 42.14 7.59
C PHE B 40 2.24 41.72 8.83
N LEU B 41 2.31 42.51 9.90
CA LEU B 41 1.56 42.16 11.12
C LEU B 41 0.05 42.21 10.92
N HIS B 42 -0.38 43.06 10.02
CA HIS B 42 -1.77 43.06 9.63
C HIS B 42 -2.10 41.80 8.85
N GLN B 43 -1.23 41.40 7.93
CA GLN B 43 -1.44 40.13 7.20
C GLN B 43 -1.55 38.89 8.14
N ARG B 44 -0.68 38.84 9.15
CA ARG B 44 -0.69 37.76 10.11
C ARG B 44 -2.04 37.69 10.84
N GLN B 45 -2.51 38.81 11.36
CA GLN B 45 -3.79 38.91 12.02
C GLN B 45 -4.87 38.43 11.06
N GLU B 46 -4.82 38.82 9.79
CA GLU B 46 -5.84 38.44 8.83
C GLU B 46 -5.79 36.92 8.54
N ILE B 47 -4.59 36.39 8.43
CA ILE B 47 -4.47 34.94 8.28
C ILE B 47 -5.08 34.23 9.50
N LEU B 48 -4.74 34.70 10.69
CA LEU B 48 -5.24 34.07 11.91
C LEU B 48 -6.76 34.15 12.07
N GLN B 49 -7.43 35.07 11.41
CA GLN B 49 -8.88 35.08 11.45
C GLN B 49 -9.51 33.91 10.71
N HIS B 50 -8.80 33.36 9.73
CA HIS B 50 -9.35 32.25 8.96
C HIS B 50 -8.68 30.95 9.30
N VAL B 51 -7.47 31.00 9.83
CA VAL B 51 -6.65 29.81 9.96
C VAL B 51 -6.07 29.78 11.35
N ASP B 52 -6.43 28.78 12.14
CA ASP B 52 -5.79 28.58 13.42
C ASP B 52 -4.55 27.82 13.07
N VAL B 53 -3.48 28.56 12.82
CA VAL B 53 -2.31 27.97 12.18
C VAL B 53 -1.66 26.89 13.05
N ILE B 54 -1.50 27.19 14.34
CA ILE B 54 -0.81 26.31 15.25
C ILE B 54 -1.57 24.99 15.36
N LYS B 55 -2.89 25.07 15.35
CA LYS B 55 -3.70 23.86 15.39
C LYS B 55 -3.71 23.16 14.04
N ASN B 56 -3.92 23.92 12.95
CA ASN B 56 -4.07 23.37 11.62
C ASN B 56 -2.76 22.74 11.16
N PHE B 57 -1.68 23.18 11.78
CA PHE B 57 -0.37 22.68 11.45
C PHE B 57 -0.31 21.15 11.46
N SER B 58 -0.97 20.54 12.44
CA SER B 58 -0.92 19.09 12.59
C SER B 58 -2.02 18.52 13.45
N LEU B 59 -2.49 17.35 13.04
CA LEU B 59 -3.32 16.52 13.89
C LEU B 59 -2.42 16.15 15.07
N THR B 60 -3.06 15.92 16.21
CA THR B 60 -2.36 15.49 17.40
C THR B 60 -3.04 14.21 17.85
N LYS B 61 -2.41 13.49 18.76
CA LYS B 61 -2.96 12.20 19.20
C LYS B 61 -4.43 12.33 19.64
N ASN B 62 -4.71 13.33 20.42
CA ASN B 62 -6.01 13.41 21.05
C ASN B 62 -7.04 14.04 20.13
N SER B 63 -6.64 14.46 18.94
CA SER B 63 -7.63 15.02 18.04
C SER B 63 -8.21 13.99 17.06
N VAL B 64 -7.78 12.73 17.14
CA VAL B 64 -8.42 11.63 16.37
C VAL B 64 -8.72 10.40 17.24
N ARG B 65 -9.70 9.59 16.83
CA ARG B 65 -10.00 8.32 17.46
C ARG B 65 -9.53 7.18 16.58
N ILE B 66 -9.14 6.07 17.22
CA ILE B 66 -8.82 4.87 16.48
C ILE B 66 -10.05 4.39 15.78
N GLY B 67 -9.97 4.19 14.47
CA GLY B 67 -11.10 3.71 13.71
C GLY B 67 -11.95 4.81 13.14
N GLN B 68 -11.60 6.05 13.44
CA GLN B 68 -12.21 7.24 12.83
C GLN B 68 -11.90 7.20 11.34
N LEU B 69 -12.86 7.57 10.50
CA LEU B 69 -12.61 7.67 9.07
C LEU B 69 -12.29 9.08 8.64
N MET B 70 -11.12 9.28 8.05
CA MET B 70 -10.72 10.57 7.50
C MET B 70 -11.13 10.64 6.06
N HIS B 71 -11.61 11.83 5.66
CA HIS B 71 -11.83 12.12 4.26
C HIS B 71 -10.68 12.94 3.77
N TYR B 72 -10.64 13.14 2.46
CA TYR B 72 -9.60 13.88 1.78
C TYR B 72 -10.11 15.23 1.29
N ASP B 73 -9.31 16.27 1.42
CA ASP B 73 -9.77 17.62 1.02
C ASP B 73 -10.18 17.73 -0.46
N TYR B 74 -9.42 17.15 -1.36
CA TYR B 74 -9.68 17.36 -2.77
C TYR B 74 -10.28 16.16 -3.45
N SER B 75 -10.83 15.23 -2.67
CA SER B 75 -11.41 14.04 -3.19
C SER B 75 -12.87 14.00 -2.82
N SER B 76 -13.63 13.30 -3.62
CA SER B 76 -14.95 12.87 -3.26
C SER B 76 -15.06 12.29 -1.84
N HIS B 77 -16.17 12.60 -1.17
CA HIS B 77 -16.41 12.18 0.19
C HIS B 77 -16.30 10.65 0.39
N LYS B 78 -16.50 9.85 -0.66
CA LYS B 78 -16.52 8.39 -0.52
C LYS B 78 -15.18 7.76 -0.18
N TYR B 79 -14.08 8.47 -0.47
CA TYR B 79 -12.75 8.05 -0.16
C TYR B 79 -12.47 8.27 1.32
N VAL B 80 -11.99 7.24 2.00
CA VAL B 80 -11.74 7.34 3.43
C VAL B 80 -10.46 6.62 3.80
N PHE B 81 -9.96 6.95 4.98
CA PHE B 81 -8.77 6.38 5.52
C PHE B 81 -9.02 6.22 7.00
N SER B 82 -9.05 4.95 7.43
CA SER B 82 -9.32 4.63 8.78
C SER B 82 -8.06 4.80 9.65
N ILE B 83 -8.14 5.63 10.69
CA ILE B 83 -7.05 5.81 11.64
C ILE B 83 -6.70 4.53 12.41
N SER B 84 -5.49 4.00 12.17
CA SER B 84 -5.01 2.86 12.88
C SER B 84 -4.36 3.31 14.19
N ASN B 85 -4.21 2.36 15.08
CA ASN B 85 -3.48 2.57 16.27
C ASN B 85 -2.09 3.08 15.93
N ASN B 86 -1.46 2.49 14.92
CA ASN B 86 -0.12 2.90 14.53
C ASN B 86 -0.05 4.29 14.00
N PHE B 87 -0.97 4.67 13.13
CA PHE B 87 -0.98 6.04 12.63
C PHE B 87 -1.12 7.03 13.77
N ARG B 88 -2.05 6.79 14.67
CA ARG B 88 -2.25 7.67 15.81
C ARG B 88 -1.02 7.84 16.70
N SER B 89 -0.28 6.75 16.90
CA SER B 89 0.90 6.76 17.74
C SER B 89 2.01 7.58 17.11
N LEU B 90 1.92 7.85 15.79
CA LEU B 90 2.90 8.69 15.14
C LEU B 90 2.53 10.16 15.13
N LEU B 91 1.40 10.51 15.70
CA LEU B 91 1.00 11.88 15.74
C LEU B 91 1.68 12.54 16.96
N PRO B 92 1.98 13.84 16.85
CA PRO B 92 2.56 14.55 17.96
C PRO B 92 1.51 14.78 19.08
N ASP B 93 1.97 14.92 20.31
CA ASP B 93 1.10 15.16 21.42
C ASP B 93 0.64 16.61 21.40
N VAL B 94 1.53 17.52 20.99
CA VAL B 94 1.21 18.94 20.84
C VAL B 94 1.80 19.47 19.54
N SER B 95 1.18 20.48 18.94
CA SER B 95 1.68 21.05 17.72
C SER B 95 3.16 21.34 17.86
N PRO B 96 3.97 20.82 16.96
CA PRO B 96 5.44 21.11 16.97
C PRO B 96 5.86 22.57 16.81
N ILE B 97 4.93 23.44 16.38
CA ILE B 97 5.23 24.84 16.27
C ILE B 97 4.64 25.70 17.34
N MET B 98 3.99 25.10 18.34
CA MET B 98 3.39 25.86 19.41
C MET B 98 4.47 26.61 20.16
N ASN B 99 4.19 27.87 20.45
CA ASN B 99 5.19 28.84 20.97
C ASN B 99 6.56 28.94 20.33
N LYS B 100 6.68 28.56 19.08
CA LYS B 100 7.94 28.81 18.34
C LYS B 100 7.82 30.17 17.72
N HIS B 101 8.78 31.06 17.94
CA HIS B 101 8.81 32.38 17.32
C HIS B 101 10.22 32.68 16.79
N TYR B 102 10.35 32.73 15.48
CA TYR B 102 11.62 33.00 14.84
C TYR B 102 11.58 34.42 14.29
N ASN B 103 12.76 35.01 14.12
CA ASN B 103 12.84 36.32 13.55
C ASN B 103 12.80 36.25 12.03
N ILE B 104 13.85 35.76 11.40
CA ILE B 104 13.89 35.70 9.95
C ILE B 104 13.67 34.25 9.53
N CYS B 105 12.69 34.03 8.68
CA CYS B 105 12.45 32.70 8.09
C CYS B 105 12.68 32.71 6.61
N ALA B 106 13.26 31.63 6.10
CA ALA B 106 13.40 31.43 4.68
C ALA B 106 12.36 30.42 4.32
N VAL B 107 11.61 30.65 3.26
CA VAL B 107 10.80 29.62 2.70
C VAL B 107 11.41 29.35 1.34
N VAL B 108 11.89 28.12 1.14
CA VAL B 108 12.54 27.73 -0.08
C VAL B 108 11.72 26.79 -0.94
N GLY B 109 11.23 27.33 -2.05
CA GLY B 109 10.55 26.54 -3.07
C GLY B 109 11.58 25.89 -3.98
N ASN B 110 11.13 25.17 -4.99
CA ASN B 110 12.04 24.31 -5.71
C ASN B 110 12.43 24.71 -7.09
N SER B 111 12.21 25.96 -7.44
CA SER B 111 12.48 26.43 -8.77
C SER B 111 13.93 26.33 -9.18
N GLY B 112 14.12 26.03 -10.43
CA GLY B 112 15.43 26.05 -11.08
C GLY B 112 16.14 27.38 -11.05
N ILE B 113 15.42 28.45 -10.71
CA ILE B 113 16.06 29.75 -10.53
C ILE B 113 17.14 29.76 -9.43
N LEU B 114 17.12 28.78 -8.53
CA LEU B 114 18.11 28.74 -7.47
C LEU B 114 19.48 28.30 -7.97
N THR B 115 19.52 27.55 -9.07
CA THR B 115 20.76 27.04 -9.63
C THR B 115 21.67 28.18 -10.02
N GLY B 116 22.89 28.15 -9.51
CA GLY B 116 23.88 29.19 -9.75
C GLY B 116 23.53 30.48 -9.02
N SER B 117 22.55 30.45 -8.11
CA SER B 117 22.17 31.69 -7.41
C SER B 117 23.12 32.05 -6.27
N GLN B 118 23.82 31.04 -5.74
CA GLN B 118 24.65 31.21 -4.55
C GLN B 118 23.88 31.83 -3.38
N CYS B 119 22.63 31.41 -3.20
CA CYS B 119 21.82 31.89 -2.10
C CYS B 119 21.96 31.05 -0.85
N GLY B 120 22.79 30.01 -0.89
CA GLY B 120 23.01 29.11 0.25
C GLY B 120 23.27 29.81 1.56
N GLN B 121 24.22 30.73 1.54
CA GLN B 121 24.68 31.37 2.76
C GLN B 121 23.60 32.27 3.36
N GLU B 122 22.88 32.97 2.49
CA GLU B 122 21.88 33.90 2.94
C GLU B 122 20.64 33.14 3.45
N ILE B 123 20.32 32.02 2.82
CA ILE B 123 19.31 31.14 3.33
C ILE B 123 19.71 30.61 4.69
N ASP B 124 20.95 30.15 4.85
CA ASP B 124 21.34 29.48 6.12
C ASP B 124 21.47 30.43 7.28
N LYS B 125 21.67 31.71 6.97
CA LYS B 125 21.66 32.79 7.96
C LYS B 125 20.31 32.96 8.63
N SER B 126 19.24 32.51 8.01
CA SER B 126 17.92 32.62 8.59
C SER B 126 17.84 31.91 9.91
N ASP B 127 16.92 32.35 10.74
CA ASP B 127 16.67 31.66 11.99
C ASP B 127 15.94 30.36 11.76
N PHE B 128 15.18 30.25 10.67
CA PHE B 128 14.41 29.02 10.46
C PHE B 128 14.17 28.85 8.98
N VAL B 129 14.40 27.65 8.47
CA VAL B 129 14.27 27.40 7.04
C VAL B 129 13.21 26.36 6.76
N PHE B 130 12.23 26.72 5.93
CA PHE B 130 11.22 25.80 5.43
C PHE B 130 11.66 25.34 4.06
N ARG B 131 11.63 24.04 3.81
CA ARG B 131 11.82 23.51 2.49
C ARG B 131 10.63 22.66 2.11
N CYS B 132 10.55 22.31 0.82
CA CYS B 132 9.39 21.72 0.20
C CYS B 132 9.73 20.38 -0.36
N ASN B 133 8.85 19.43 -0.08
CA ASN B 133 8.91 18.11 -0.64
C ASN B 133 10.24 17.40 -0.53
N PHE B 134 10.90 17.54 0.62
CA PHE B 134 12.10 16.74 0.89
C PHE B 134 13.17 17.00 -0.13
N ALA B 135 13.23 18.21 -0.65
CA ALA B 135 14.20 18.53 -1.71
C ALA B 135 15.65 18.38 -1.20
N PRO B 136 16.56 17.97 -2.08
CA PRO B 136 17.93 17.68 -1.67
C PRO B 136 18.70 18.97 -1.46
N THR B 137 19.57 18.95 -0.48
CA THR B 137 20.39 20.10 -0.17
C THR B 137 21.88 19.83 -0.26
N GLU B 138 22.32 18.63 0.11
CA GLU B 138 23.76 18.34 0.19
C GLU B 138 24.49 18.71 -1.11
N ALA B 139 24.01 18.16 -2.20
CA ALA B 139 24.60 18.31 -3.51
C ALA B 139 24.47 19.74 -4.05
N PHE B 140 23.65 20.59 -3.39
CA PHE B 140 23.35 21.93 -3.86
C PHE B 140 23.53 23.01 -2.79
N GLN B 141 24.30 22.74 -1.74
CA GLN B 141 24.48 23.68 -0.60
C GLN B 141 24.78 25.12 -1.00
N ARG B 142 25.65 25.31 -2.00
CA ARG B 142 26.14 26.65 -2.34
C ARG B 142 24.98 27.52 -2.77
N ASP B 143 24.05 26.90 -3.49
CA ASP B 143 22.83 27.57 -3.95
C ASP B 143 21.61 27.58 -2.99
N VAL B 144 21.34 26.48 -2.29
CA VAL B 144 20.07 26.36 -1.52
C VAL B 144 20.24 26.26 0.00
N GLY B 145 21.49 26.12 0.43
CA GLY B 145 21.85 26.06 1.83
C GLY B 145 21.85 24.62 2.32
N ARG B 146 22.33 24.43 3.55
CA ARG B 146 22.17 23.13 4.20
C ARG B 146 21.28 23.17 5.43
N LYS B 147 20.75 24.32 5.81
CA LYS B 147 19.90 24.41 7.02
C LYS B 147 18.48 24.06 6.67
N THR B 148 17.93 23.14 7.43
CA THR B 148 16.54 22.74 7.28
C THR B 148 15.88 22.57 8.65
N ASN B 149 14.83 23.32 8.94
CA ASN B 149 14.06 23.15 10.19
C ASN B 149 12.69 22.61 9.96
N LEU B 150 12.23 22.67 8.72
CA LEU B 150 11.06 21.93 8.30
C LEU B 150 11.19 21.56 6.85
N THR B 151 10.78 20.35 6.51
CA THR B 151 10.55 20.03 5.11
C THR B 151 9.25 19.29 4.95
N THR B 152 8.55 19.54 3.85
CA THR B 152 7.27 18.89 3.60
C THR B 152 7.51 17.57 2.86
N PHE B 153 6.47 16.77 2.82
CA PHE B 153 6.61 15.49 2.20
C PHE B 153 5.33 15.09 1.52
N ASN B 154 5.12 15.55 0.28
CA ASN B 154 4.01 15.00 -0.51
C ASN B 154 4.21 13.49 -0.54
N PRO B 155 3.17 12.74 -0.21
CA PRO B 155 3.33 11.31 -0.16
C PRO B 155 3.82 10.69 -1.45
N SER B 156 3.49 11.27 -2.59
CA SER B 156 4.03 10.80 -3.88
C SER B 156 5.55 10.76 -3.94
N ILE B 157 6.25 11.53 -3.11
CA ILE B 157 7.72 11.45 -3.08
C ILE B 157 8.23 10.04 -2.78
N LEU B 158 7.53 9.33 -1.92
CA LEU B 158 7.96 8.01 -1.55
C LEU B 158 7.91 7.08 -2.74
N GLU B 159 6.91 7.26 -3.62
CA GLU B 159 6.78 6.42 -4.79
C GLU B 159 7.83 6.86 -5.80
N LYS B 160 7.94 8.15 -5.99
CA LYS B 160 8.74 8.67 -7.08
C LYS B 160 10.26 8.46 -6.84
N TYR B 161 10.76 8.68 -5.61
CA TYR B 161 12.21 8.68 -5.32
C TYR B 161 12.67 7.53 -4.43
N TYR B 162 11.75 6.93 -3.67
CA TYR B 162 12.11 5.85 -2.76
C TYR B 162 11.43 4.47 -3.04
N ASN B 163 10.75 4.36 -4.19
CA ASN B 163 10.21 3.11 -4.69
C ASN B 163 9.32 2.45 -3.64
N ASN B 164 8.56 3.26 -2.94
CA ASN B 164 7.68 2.75 -1.89
C ASN B 164 8.34 1.93 -0.79
N LEU B 165 9.62 2.16 -0.55
CA LEU B 165 10.38 1.42 0.44
C LEU B 165 10.29 -0.08 0.22
N LEU B 166 10.31 -0.50 -1.04
CA LEU B 166 10.17 -1.91 -1.38
C LEU B 166 11.46 -2.68 -1.18
N THR B 167 12.61 -2.00 -1.37
CA THR B 167 13.88 -2.63 -1.18
C THR B 167 14.68 -2.13 0.00
N ILE B 168 15.63 -2.95 0.35
CA ILE B 168 16.55 -2.64 1.40
C ILE B 168 17.29 -1.32 1.11
N GLN B 169 17.67 -1.12 -0.14
CA GLN B 169 18.44 0.05 -0.47
C GLN B 169 17.54 1.28 -0.38
N ASP B 170 16.29 1.15 -0.77
CA ASP B 170 15.39 2.32 -0.71
C ASP B 170 15.12 2.68 0.72
N ARG B 171 14.97 1.65 1.54
CA ARG B 171 14.79 1.83 2.97
C ARG B 171 16.01 2.48 3.60
N ASN B 172 17.19 2.00 3.20
CA ASN B 172 18.42 2.58 3.73
C ASN B 172 18.53 4.02 3.29
N ASN B 173 18.17 4.32 2.04
CA ASN B 173 18.32 5.68 1.56
C ASN B 173 17.42 6.59 2.36
N PHE B 174 16.18 6.13 2.55
CA PHE B 174 15.19 6.95 3.18
C PHE B 174 15.62 7.15 4.63
N PHE B 175 16.07 6.07 5.28
CA PHE B 175 16.55 6.18 6.64
C PHE B 175 17.65 7.20 6.77
N LEU B 176 18.70 7.14 5.94
CA LEU B 176 19.79 8.10 6.02
C LEU B 176 19.31 9.54 5.76
N SER B 177 18.47 9.76 4.75
CA SER B 177 17.94 11.10 4.49
C SER B 177 17.25 11.62 5.73
N LEU B 178 16.46 10.78 6.39
CA LEU B 178 15.74 11.20 7.59
C LEU B 178 16.66 11.50 8.77
N LYS B 179 17.67 10.67 8.97
CA LYS B 179 18.68 10.88 10.00
C LYS B 179 19.37 12.24 9.74
N LYS B 180 19.67 12.57 8.50
CA LYS B 180 20.29 13.89 8.18
C LYS B 180 19.39 15.07 8.47
N LEU B 181 18.10 14.83 8.66
CA LEU B 181 17.20 15.90 9.03
C LEU B 181 17.27 16.21 10.49
N ASP B 182 17.98 15.39 11.27
CA ASP B 182 18.17 15.66 12.70
C ASP B 182 16.81 15.90 13.34
N GLY B 183 16.69 16.98 14.12
CA GLY B 183 15.47 17.26 14.83
C GLY B 183 14.57 18.21 14.08
N ALA B 184 14.73 18.31 12.75
CA ALA B 184 13.74 19.05 11.97
C ALA B 184 12.35 18.42 11.97
N ILE B 185 11.41 19.21 11.44
CA ILE B 185 10.01 18.78 11.35
C ILE B 185 9.76 18.24 9.93
N LEU B 186 9.12 17.07 9.85
CA LEU B 186 8.73 16.52 8.56
C LEU B 186 7.19 16.63 8.46
N TRP B 187 6.72 17.52 7.59
CA TRP B 187 5.33 17.87 7.46
C TRP B 187 4.73 17.12 6.27
N ILE B 188 3.85 16.18 6.56
CA ILE B 188 3.32 15.22 5.62
C ILE B 188 1.85 15.42 5.40
N PRO B 189 1.46 16.03 4.28
CA PRO B 189 0.03 16.15 4.05
C PRO B 189 -0.57 14.90 3.39
N ALA B 190 -1.20 14.06 4.20
CA ALA B 190 -1.69 12.75 3.80
C ALA B 190 -3.18 12.77 3.56
N PHE B 191 -3.88 13.87 3.87
CA PHE B 191 -5.34 13.82 3.76
C PHE B 191 -5.92 14.85 2.82
N PHE B 192 -5.12 15.23 1.82
CA PHE B 192 -5.61 16.09 0.77
C PHE B 192 -6.12 15.31 -0.42
N PHE B 193 -5.47 14.20 -0.77
CA PHE B 193 -5.91 13.40 -1.91
C PHE B 193 -5.77 11.91 -1.68
N HIS B 194 -6.76 11.18 -2.18
CA HIS B 194 -6.94 9.78 -1.80
C HIS B 194 -5.81 8.86 -2.29
N THR B 195 -5.05 9.30 -3.30
CA THR B 195 -3.88 8.54 -3.77
C THR B 195 -2.80 8.42 -2.71
N SER B 196 -2.88 9.20 -1.66
CA SER B 196 -1.94 9.13 -0.57
C SER B 196 -2.21 7.96 0.38
N ALA B 197 -3.35 7.30 0.26
CA ALA B 197 -3.75 6.25 1.24
C ALA B 197 -2.68 5.16 1.42
N THR B 198 -2.21 4.60 0.33
CA THR B 198 -1.37 3.45 0.41
C THR B 198 0.00 3.88 0.92
N VAL B 199 0.52 4.96 0.39
CA VAL B 199 1.83 5.38 0.84
C VAL B 199 1.79 5.81 2.29
N THR B 200 0.64 6.29 2.76
CA THR B 200 0.52 6.60 4.19
C THR B 200 0.77 5.32 5.03
N ARG B 201 0.22 4.19 4.60
CA ARG B 201 0.42 2.95 5.31
C ARG B 201 1.89 2.55 5.30
N THR B 202 2.56 2.67 4.16
CA THR B 202 4.00 2.42 4.06
C THR B 202 4.80 3.27 4.97
N LEU B 203 4.51 4.56 5.01
CA LEU B 203 5.20 5.49 5.91
C LEU B 203 4.96 5.20 7.33
N VAL B 204 3.71 4.93 7.70
CA VAL B 204 3.37 4.59 9.10
C VAL B 204 4.19 3.37 9.55
N ASP B 205 4.18 2.31 8.76
CA ASP B 205 4.90 1.10 9.11
C ASP B 205 6.40 1.36 9.23
N PHE B 206 6.96 2.22 8.38
CA PHE B 206 8.38 2.48 8.43
C PHE B 206 8.75 3.25 9.68
N PHE B 207 7.97 4.28 9.99
CA PHE B 207 8.21 5.04 11.20
C PHE B 207 7.91 4.22 12.47
N VAL B 208 6.87 3.42 12.50
CA VAL B 208 6.73 2.56 13.66
C VAL B 208 7.97 1.63 13.80
N GLU B 209 8.35 0.99 12.71
CA GLU B 209 9.52 0.09 12.72
C GLU B 209 10.81 0.76 13.24
N HIS B 210 11.00 2.03 12.95
CA HIS B 210 12.21 2.75 13.34
C HIS B 210 12.00 3.70 14.50
N ARG B 211 10.91 3.49 15.23
CA ARG B 211 10.58 4.27 16.37
C ARG B 211 11.76 4.25 17.35
N GLY B 212 12.12 5.41 17.87
CA GLY B 212 13.25 5.50 18.77
C GLY B 212 14.55 5.84 18.11
N GLN B 213 14.67 5.63 16.80
CA GLN B 213 15.95 5.85 16.10
C GLN B 213 16.04 7.16 15.36
N LEU B 214 15.01 7.99 15.38
CA LEU B 214 15.01 9.19 14.59
C LEU B 214 14.49 10.35 15.42
N LYS B 215 15.15 11.48 15.31
CA LYS B 215 14.77 12.65 16.07
C LYS B 215 13.75 13.49 15.30
N VAL B 216 13.47 13.16 14.05
CA VAL B 216 12.58 13.96 13.23
C VAL B 216 11.22 14.12 13.95
N GLN B 217 10.64 15.32 13.93
CA GLN B 217 9.32 15.50 14.50
C GLN B 217 8.30 15.39 13.39
N LEU B 218 7.43 14.41 13.46
CA LEU B 218 6.45 14.18 12.42
C LEU B 218 5.33 15.12 12.62
N ALA B 219 4.80 15.68 11.54
CA ALA B 219 3.62 16.46 11.63
C ALA B 219 2.70 16.05 10.52
N TRP B 220 1.41 15.97 10.82
CA TRP B 220 0.41 15.47 9.90
C TRP B 220 -0.86 16.34 9.84
N PRO B 221 -0.91 17.30 8.93
CA PRO B 221 -2.09 18.12 8.89
C PRO B 221 -3.32 17.33 8.47
N GLY B 222 -4.46 17.67 9.05
CA GLY B 222 -5.75 17.12 8.67
C GLY B 222 -6.37 17.88 7.53
N ASN B 223 -7.68 18.00 7.59
CA ASN B 223 -8.45 18.66 6.54
C ASN B 223 -8.44 20.17 6.71
N ILE B 224 -7.37 20.80 6.31
CA ILE B 224 -7.25 22.19 6.61
C ILE B 224 -7.53 23.12 5.43
N MET B 225 -7.64 22.57 4.23
CA MET B 225 -7.60 23.41 3.06
C MET B 225 -8.83 24.30 2.91
N GLN B 226 -10.01 23.90 3.41
CA GLN B 226 -11.14 24.83 3.39
C GLN B 226 -10.86 26.12 4.20
N HIS B 227 -9.98 26.04 5.20
CA HIS B 227 -9.67 27.21 6.00
C HIS B 227 -8.61 28.02 5.31
N VAL B 228 -7.55 27.36 4.88
CA VAL B 228 -6.47 28.07 4.21
C VAL B 228 -7.01 28.75 2.94
N ASN B 229 -7.85 28.08 2.17
CA ASN B 229 -8.43 28.67 0.96
C ASN B 229 -9.20 29.94 1.25
N ARG B 230 -9.89 30.03 2.39
CA ARG B 230 -10.62 31.23 2.79
C ARG B 230 -9.73 32.46 2.82
N TYR B 231 -8.54 32.39 3.41
CA TYR B 231 -7.68 33.57 3.42
C TYR B 231 -7.35 33.95 1.98
N TRP B 232 -6.88 32.97 1.20
CA TRP B 232 -6.37 33.29 -0.16
C TRP B 232 -7.49 33.65 -1.16
N LYS B 233 -8.73 33.26 -0.86
CA LYS B 233 -9.88 33.61 -1.69
C LYS B 233 -10.05 35.11 -1.72
N ASN B 234 -9.83 35.79 -0.58
CA ASN B 234 -9.96 37.26 -0.51
C ASN B 234 -8.89 38.00 -1.28
N LYS B 235 -7.75 37.35 -1.49
CA LYS B 235 -6.70 37.91 -2.30
C LYS B 235 -6.87 37.52 -3.76
N HIS B 236 -8.05 37.01 -4.12
CA HIS B 236 -8.44 36.75 -5.51
C HIS B 236 -7.58 35.64 -6.12
N LEU B 237 -7.21 34.69 -5.25
CA LEU B 237 -6.49 33.52 -5.64
C LEU B 237 -7.31 32.32 -5.20
N SER B 238 -7.87 31.58 -6.14
CA SER B 238 -8.41 30.25 -5.81
C SER B 238 -8.33 29.23 -6.96
N PRO B 239 -7.22 28.49 -7.04
CA PRO B 239 -7.05 27.37 -7.96
C PRO B 239 -7.67 26.10 -7.38
N LYS B 240 -7.67 25.00 -8.14
CA LYS B 240 -8.05 23.72 -7.57
C LYS B 240 -7.26 23.52 -6.25
N ARG B 241 -5.92 23.69 -6.31
CA ARG B 241 -5.05 23.41 -5.18
C ARG B 241 -4.00 24.44 -5.00
N LEU B 242 -3.95 25.01 -3.81
CA LEU B 242 -2.86 25.85 -3.45
C LEU B 242 -1.58 25.03 -3.42
N SER B 243 -0.46 25.64 -3.76
CA SER B 243 0.82 24.94 -3.76
C SER B 243 1.39 24.85 -2.35
N THR B 244 2.28 23.89 -2.15
CA THR B 244 2.99 23.70 -0.90
C THR B 244 3.68 24.95 -0.48
N GLY B 245 4.27 25.68 -1.44
CA GLY B 245 4.97 26.93 -1.12
C GLY B 245 4.10 27.95 -0.40
N ILE B 246 2.91 28.16 -0.91
CA ILE B 246 2.06 29.17 -0.39
C ILE B 246 1.41 28.69 0.91
N LEU B 247 1.25 27.39 1.00
CA LEU B 247 0.87 26.77 2.25
C LEU B 247 1.98 26.99 3.32
N MET B 248 3.24 26.89 2.96
CA MET B 248 4.32 27.16 3.90
C MET B 248 4.39 28.64 4.28
N TYR B 249 4.23 29.52 3.31
CA TYR B 249 4.06 30.94 3.64
C TYR B 249 2.98 31.14 4.70
N THR B 250 1.81 30.56 4.48
CA THR B 250 0.70 30.78 5.38
C THR B 250 1.09 30.44 6.81
N LEU B 251 1.81 29.33 6.98
CA LEU B 251 2.10 28.87 8.32
C LEU B 251 3.23 29.65 8.85
N ALA B 252 4.23 29.98 8.02
CA ALA B 252 5.34 30.78 8.46
C ALA B 252 4.89 32.11 9.03
N SER B 253 3.80 32.67 8.48
CA SER B 253 3.29 33.96 8.94
C SER B 253 2.99 33.96 10.41
N ALA B 254 2.61 32.81 10.97
CA ALA B 254 2.25 32.74 12.39
C ALA B 254 3.44 32.72 13.33
N ILE B 255 4.58 32.23 12.85
CA ILE B 255 5.73 32.01 13.71
C ILE B 255 7.02 32.74 13.31
N CYS B 256 6.96 33.49 12.21
CA CYS B 256 8.06 34.28 11.74
C CYS B 256 7.74 35.76 11.82
N GLU B 257 8.75 36.56 12.16
CA GLU B 257 8.63 38.01 12.16
C GLU B 257 8.83 38.62 10.78
N GLU B 258 9.57 37.92 9.93
CA GLU B 258 9.90 38.38 8.62
C GLU B 258 10.15 37.13 7.76
N ILE B 259 9.44 37.01 6.63
CA ILE B 259 9.60 35.87 5.70
C ILE B 259 10.33 36.26 4.43
N HIS B 260 11.31 35.45 4.05
CA HIS B 260 12.07 35.67 2.84
C HIS B 260 11.88 34.47 1.93
N LEU B 261 11.41 34.72 0.70
CA LEU B 261 11.09 33.64 -0.27
C LEU B 261 12.23 33.41 -1.28
N TYR B 262 12.54 32.15 -1.52
CA TYR B 262 13.55 31.74 -2.48
C TYR B 262 12.97 30.57 -3.23
N GLY B 263 13.34 30.42 -4.48
CA GLY B 263 12.93 29.27 -5.28
C GLY B 263 11.50 29.32 -5.75
N PHE B 264 10.97 30.53 -5.79
CA PHE B 264 9.63 30.75 -6.30
C PHE B 264 9.75 31.46 -7.62
N TRP B 265 9.47 30.71 -8.68
CA TRP B 265 9.59 31.20 -10.06
C TRP B 265 9.18 30.06 -10.99
N PRO B 266 7.91 30.04 -11.41
CA PRO B 266 7.35 28.85 -12.08
C PRO B 266 7.47 28.83 -13.60
N PHE B 267 8.47 29.51 -14.12
CA PHE B 267 8.61 29.76 -15.53
C PHE B 267 9.86 29.09 -16.05
N GLY B 268 9.92 28.91 -17.35
CA GLY B 268 10.98 28.08 -17.93
C GLY B 268 12.14 28.84 -18.53
N PHE B 269 12.25 30.13 -18.21
CA PHE B 269 13.42 30.92 -18.60
C PHE B 269 13.97 31.63 -17.36
N ASP B 270 15.27 31.92 -17.36
CA ASP B 270 15.87 32.65 -16.25
C ASP B 270 15.68 34.12 -16.48
N PRO B 271 15.10 34.85 -15.53
CA PRO B 271 14.86 36.27 -15.78
C PRO B 271 16.12 37.10 -16.06
N ASN B 272 17.28 36.63 -15.60
CA ASN B 272 18.52 37.37 -15.85
C ASN B 272 19.29 36.93 -17.11
N THR B 273 19.78 35.69 -17.11
CA THR B 273 20.55 35.15 -18.24
C THR B 273 19.70 34.80 -19.44
N ARG B 274 18.40 34.57 -19.23
CA ARG B 274 17.48 34.24 -20.31
C ARG B 274 17.60 32.77 -20.81
N GLU B 275 18.42 31.96 -20.15
CA GLU B 275 18.55 30.55 -20.56
C GLU B 275 17.33 29.72 -20.14
N ASP B 276 17.06 28.64 -20.87
CA ASP B 276 16.09 27.64 -20.45
C ASP B 276 16.37 27.29 -18.98
N LEU B 277 15.32 27.15 -18.16
CA LEU B 277 15.45 26.72 -16.76
C LEU B 277 14.62 25.49 -16.51
N PRO B 278 15.18 24.52 -15.76
CA PRO B 278 14.33 23.39 -15.37
C PRO B 278 13.34 23.86 -14.32
N TYR B 279 12.22 23.16 -14.20
CA TYR B 279 11.22 23.48 -13.23
C TYR B 279 11.74 23.37 -11.81
N HIS B 280 12.54 22.36 -11.53
CA HIS B 280 13.13 22.13 -10.23
C HIS B 280 14.66 22.32 -10.28
N TYR B 281 15.27 22.82 -9.20
CA TYR B 281 16.70 23.05 -9.17
C TYR B 281 17.53 21.77 -9.14
N TYR B 282 16.92 20.64 -8.83
CA TYR B 282 17.63 19.36 -8.85
C TYR B 282 17.21 18.49 -10.02
N ASP B 283 16.66 19.07 -11.09
CA ASP B 283 16.53 18.33 -12.36
C ASP B 283 17.83 18.40 -13.15
N GLN B 298 -3.06 27.22 -10.09
CA GLN B 298 -2.47 28.07 -11.11
C GLN B 298 -1.24 28.73 -10.55
N LEU B 299 -0.06 28.23 -10.92
CA LEU B 299 1.18 28.77 -10.34
C LEU B 299 1.48 30.22 -10.73
N PRO B 300 1.17 30.60 -11.96
CA PRO B 300 1.30 32.00 -12.37
C PRO B 300 0.52 32.96 -11.48
N ALA B 301 -0.74 32.62 -11.18
CA ALA B 301 -1.51 33.46 -10.26
C ALA B 301 -0.86 33.49 -8.90
N GLU B 302 -0.33 32.37 -8.42
CA GLU B 302 0.36 32.37 -7.14
C GLU B 302 1.61 33.28 -7.21
N PHE B 303 2.41 33.12 -8.25
CA PHE B 303 3.59 33.94 -8.40
C PHE B 303 3.23 35.43 -8.46
N GLN B 304 2.25 35.81 -9.27
CA GLN B 304 1.90 37.23 -9.37
C GLN B 304 1.44 37.77 -8.00
N LEU B 305 0.74 36.95 -7.21
CA LEU B 305 0.31 37.35 -5.89
C LEU B 305 1.49 37.53 -4.92
N LEU B 306 2.42 36.59 -4.91
CA LEU B 306 3.65 36.76 -4.12
C LEU B 306 4.51 37.96 -4.54
N TYR B 307 4.61 38.20 -5.84
CA TYR B 307 5.31 39.42 -6.35
C TYR B 307 4.60 40.67 -5.84
N ARG B 308 3.27 40.69 -5.94
CA ARG B 308 2.48 41.73 -5.31
C ARG B 308 2.86 41.95 -3.82
N MET B 309 2.89 40.89 -3.06
CA MET B 309 3.21 40.99 -1.64
C MET B 309 4.63 41.49 -1.39
N HIS B 310 5.55 41.06 -2.24
CA HIS B 310 6.89 41.61 -2.28
C HIS B 310 6.86 43.11 -2.43
N GLY B 311 6.06 43.59 -3.38
CA GLY B 311 6.01 45.03 -3.68
C GLY B 311 5.42 45.83 -2.54
N GLU B 312 4.51 45.23 -1.80
CA GLU B 312 3.89 45.86 -0.64
C GLU B 312 4.77 45.77 0.62
N GLY B 313 5.95 45.17 0.51
CA GLY B 313 6.84 45.04 1.66
C GLY B 313 6.42 43.95 2.64
N LEU B 314 5.51 43.08 2.26
CA LEU B 314 5.08 41.99 3.16
C LEU B 314 6.10 40.89 3.34
N THR B 315 6.87 40.67 2.28
CA THR B 315 7.75 39.54 2.16
C THR B 315 8.81 39.85 1.10
N LYS B 316 9.93 39.15 1.15
CA LYS B 316 10.98 39.40 0.21
C LYS B 316 11.14 38.21 -0.73
N LEU B 317 10.85 38.44 -2.00
CA LEU B 317 10.94 37.48 -3.03
C LEU B 317 12.27 37.71 -3.73
N THR B 318 13.15 36.71 -3.69
CA THR B 318 14.45 36.75 -4.34
C THR B 318 14.34 36.03 -5.70
N LEU B 319 14.68 36.77 -6.73
CA LEU B 319 14.66 36.31 -8.13
C LEU B 319 16.01 36.43 -8.79
N SER B 320 17.03 36.76 -8.02
CA SER B 320 18.32 37.03 -8.62
C SER B 320 19.37 36.20 -7.90
N HIS B 321 20.58 36.26 -8.42
CA HIS B 321 21.69 35.69 -7.73
C HIS B 321 21.84 36.44 -6.43
N CYS B 322 22.11 35.72 -5.34
CA CYS B 322 22.48 36.34 -4.07
C CYS B 322 23.97 36.77 -4.10
N ALA B 323 24.74 36.19 -5.04
CA ALA B 323 26.17 36.57 -5.27
C ALA B 323 26.63 36.32 -6.71
C1 NAG C . -1.91 -49.04 -6.74
C2 NAG C . -1.90 -50.31 -7.58
C3 NAG C . -0.57 -51.03 -7.39
C4 NAG C . 0.68 -50.13 -7.48
C5 NAG C . 0.49 -48.65 -7.03
C6 NAG C . 1.52 -47.58 -7.55
C7 NAG C . -4.14 -51.13 -8.14
C8 NAG C . -5.42 -51.81 -7.71
N2 NAG C . -3.14 -51.02 -7.25
O3 NAG C . -0.44 -52.00 -8.39
O4 NAG C . 1.69 -50.68 -6.66
O5 NAG C . -0.86 -48.24 -7.27
O6 NAG C . 2.20 -47.78 -8.79
O7 NAG C . -4.04 -50.68 -9.30
C1 NAG C . 2.80 -51.31 -7.35
C2 NAG C . 3.28 -52.41 -6.41
C3 NAG C . 4.62 -52.95 -6.93
C4 NAG C . 4.59 -53.27 -8.44
C5 NAG C . 3.56 -52.50 -9.32
C6 NAG C . 2.89 -53.40 -10.35
C7 NAG C . 2.75 -52.52 -3.98
C8 NAG C . 2.82 -51.82 -2.63
N2 NAG C . 3.28 -51.88 -5.05
O3 NAG C . 4.98 -54.13 -6.23
O4 NAG C . 5.90 -53.06 -8.94
O5 NAG C . 2.49 -51.88 -8.62
O6 NAG C . 3.78 -54.38 -10.83
O7 NAG C . 2.22 -53.63 -4.06
C1 NAG D . -14.50 -42.16 3.87
C2 NAG D . -15.57 -42.88 4.63
C3 NAG D . -15.57 -44.31 4.20
C4 NAG D . -15.71 -44.47 2.70
C5 NAG D . -14.78 -43.49 1.98
C6 NAG D . -15.15 -43.45 0.48
C7 NAG D . -15.61 -42.04 6.91
C8 NAG D . -15.23 -42.22 8.34
N2 NAG D . -15.26 -42.93 6.05
O3 NAG D . -16.65 -44.91 4.85
O4 NAG D . -15.42 -45.81 2.33
O5 NAG D . -14.89 -42.18 2.56
O6 NAG D . -16.53 -43.17 0.44
O7 NAG D . -16.23 -41.06 6.53
C1 NAG D . -16.67 -46.48 1.98
C2 NAG D . -16.51 -47.83 1.27
C3 NAG D . -17.91 -48.46 1.02
C4 NAG D . -18.83 -48.41 2.24
C5 NAG D . -18.80 -47.03 2.93
C6 NAG D . -19.52 -47.05 4.29
C7 NAG D . -14.62 -47.52 -0.31
C8 NAG D . -14.25 -47.21 -1.74
N2 NAG D . -15.93 -47.59 -0.04
O3 NAG D . -17.80 -49.79 0.60
O4 NAG D . -20.15 -48.72 1.86
O5 NAG D . -17.46 -46.61 3.14
O6 NAG D . -19.42 -48.35 4.88
O7 NAG D . -13.74 -47.66 0.53
C1 FUC D . -17.07 -43.52 -0.84
C2 FUC D . -18.58 -43.43 -0.77
C3 FUC D . -18.90 -42.01 -0.39
C4 FUC D . -18.31 -41.09 -1.43
C5 FUC D . -16.82 -41.31 -1.52
C6 FUC D . -16.22 -40.41 -2.62
O2 FUC D . -19.03 -44.30 0.21
O3 FUC D . -20.29 -41.79 -0.40
O4 FUC D . -18.91 -41.43 -2.68
O5 FUC D . -16.60 -42.67 -1.84
C1 NAG E . -17.29 -26.61 5.54
C2 NAG E . -17.60 -26.95 6.97
C3 NAG E . -19.10 -27.19 7.01
C4 NAG E . -19.83 -25.89 6.67
C5 NAG E . -19.35 -25.36 5.35
C6 NAG E . -19.88 -23.97 4.98
C7 NAG E . -15.89 -28.39 7.97
C8 NAG E . -15.24 -27.23 8.64
N2 NAG E . -16.95 -28.17 7.22
O3 NAG E . -19.52 -27.71 8.26
O4 NAG E . -21.17 -26.26 6.50
O5 NAG E . -17.94 -25.36 5.27
O6 NAG E . -19.73 -23.71 3.57
O7 NAG E . -15.43 -29.57 8.10
C1 NAG E . -22.09 -25.38 7.13
C2 NAG E . -23.45 -25.65 6.49
C3 NAG E . -24.60 -24.90 7.16
C4 NAG E . -24.48 -24.96 8.70
C5 NAG E . -23.03 -24.64 9.15
C6 NAG E . -22.85 -24.82 10.66
C7 NAG E . -23.29 -25.77 4.04
C8 NAG E . -23.27 -24.94 2.78
N2 NAG E . -23.41 -25.07 5.17
O3 NAG E . -25.81 -25.44 6.70
O4 NAG E . -25.47 -24.14 9.29
O5 NAG E . -22.08 -25.51 8.53
O6 NAG E . -23.14 -26.18 10.95
O7 NAG E . -23.20 -26.99 4.01
C1 NGS F . 5.58 -8.12 -14.81
C2 NGS F . 4.26 -7.40 -14.57
C3 NGS F . 4.00 -7.83 -13.13
C4 NGS F . 3.60 -9.30 -13.10
C5 NGS F . 4.63 -10.17 -13.84
C6 NGS F . 3.97 -11.37 -14.48
O1 NGS F . 6.13 -7.63 -15.99
O3 NGS F . 2.97 -7.04 -12.54
O5 NGS F . 5.23 -9.49 -14.96
O6 NGS F . 4.30 -12.55 -13.71
N2 NGS F . 4.30 -5.96 -14.70
C7 NGS F . 3.43 -5.27 -15.47
O7 NGS F . 2.77 -5.82 -16.35
C8 NGS F . 3.30 -3.81 -15.17
S NGS F . 3.25 -13.59 -13.12
O7A NGS F . 2.23 -12.80 -12.39
O8 NGS F . 4.06 -14.68 -12.54
O9 NGS F . 2.56 -14.19 -14.35
O4 NGS F . 3.44 -9.70 -11.74
C1 GAL F . 2.24 -9.99 -11.22
C2 GAL F . 2.48 -10.59 -9.83
C3 GAL F . 1.17 -10.81 -9.06
C4 GAL F . 0.34 -9.53 -9.05
C5 GAL F . 0.13 -9.02 -10.47
C6 GAL F . -0.66 -7.70 -10.39
O2 GAL F . 3.15 -11.84 -9.95
O3 GAL F . 1.48 -11.23 -7.72
O4 GAL F . 0.97 -8.48 -8.32
O5 GAL F . 1.39 -8.84 -11.11
O6 GAL F . -1.36 -7.48 -11.63
C1 SIA F . -0.81 -11.96 -7.24
C2 SIA F . 0.66 -12.37 -7.44
C3 SIA F . 1.31 -12.76 -6.12
C4 SIA F . 0.72 -14.02 -5.54
C5 SIA F . 0.84 -15.16 -6.58
C6 SIA F . 0.26 -14.70 -7.91
C7 SIA F . 0.29 -15.67 -9.10
C8 SIA F . -0.16 -14.89 -10.37
C9 SIA F . -0.15 -15.66 -11.68
C10 SIA F . 0.65 -17.63 -6.14
C11 SIA F . 2.03 -17.75 -6.65
N5 SIA F . 0.15 -16.36 -6.15
O1A SIA F . -1.12 -11.28 -6.24
O1B SIA F . -1.67 -12.25 -8.14
O4 SIA F . 1.46 -14.31 -4.32
O6 SIA F . 0.91 -13.47 -8.29
O7 SIA F . 1.60 -16.22 -9.24
O8 SIA F . -1.48 -14.37 -10.16
O9 SIA F . -1.35 -16.45 -11.77
O10 SIA F . 0.05 -18.70 -5.78
C1 NAG G . -8.25 24.61 11.43
C2 NAG G . -8.96 23.67 12.33
C3 NAG G . -10.41 24.03 12.37
C4 NAG G . -10.71 25.45 12.75
C5 NAG G . -9.84 26.43 11.95
C6 NAG G . -9.94 27.80 12.66
C7 NAG G . -7.91 21.45 12.07
C8 NAG G . -7.94 20.07 11.46
N2 NAG G . -8.91 22.30 11.82
O3 NAG G . -10.94 23.10 13.24
O4 NAG G . -12.09 25.81 12.52
O5 NAG G . -8.53 25.91 11.94
O6 NAG G . -9.50 28.92 11.92
O7 NAG G . -6.93 21.72 12.76
C1 NAG G . -12.78 26.12 13.73
C2 NAG G . -14.04 26.78 13.30
C3 NAG G . -15.02 27.09 14.44
C4 NAG G . -15.34 25.82 15.22
C5 NAG G . -13.96 25.25 15.65
C6 NAG G . -14.13 24.01 16.53
C7 NAG G . -14.03 28.30 11.44
C8 NAG G . -13.64 29.62 10.85
N2 NAG G . -13.67 28.05 12.67
O3 NAG G . -16.15 27.76 13.91
O4 NAG G . -16.27 26.05 16.31
O5 NAG G . -13.12 24.97 14.50
O6 NAG G . -14.30 22.86 15.71
O7 NAG G . -14.65 27.44 10.81
C1 NAG H . 17.46 24.75 12.36
C2 NAG H . 17.88 24.90 13.80
C3 NAG H . 19.36 25.01 13.91
C4 NAG H . 20.05 23.81 13.30
C5 NAG H . 19.50 23.56 11.89
C6 NAG H . 19.98 22.23 11.29
C7 NAG H . 16.26 26.23 14.96
C8 NAG H . 15.82 27.64 15.27
N2 NAG H . 17.35 26.15 14.22
O3 NAG H . 19.56 25.10 15.29
O4 NAG H . 21.42 24.14 13.24
O5 NAG H . 18.06 23.57 11.86
O6 NAG H . 19.79 22.22 9.88
O7 NAG H . 15.66 25.20 15.39
C1 NAG H . 22.34 23.14 13.73
C2 NAG H . 23.75 23.51 13.23
C3 NAG H . 24.86 22.67 13.88
C4 NAG H . 24.68 22.58 15.41
C5 NAG H . 23.22 22.11 15.73
C6 NAG H . 22.86 22.08 17.21
C7 NAG H . 23.60 24.26 10.87
C8 NAG H . 23.56 23.80 9.43
N2 NAG H . 23.74 23.30 11.78
O3 NAG H . 26.07 23.29 13.57
O4 NAG H . 25.79 21.89 16.03
O5 NAG H . 22.29 23.01 15.14
O6 NAG H . 22.81 23.40 17.78
O7 NAG H . 23.48 25.47 11.10
C1 NGS I . -5.29 13.35 -12.68
C2 NGS I . -4.15 12.34 -12.66
C3 NGS I . -3.44 12.15 -11.31
C4 NGS I . -3.38 13.44 -10.48
C5 NGS I . -4.68 14.23 -10.57
C6 NGS I . -4.63 15.55 -9.82
O1 NGS I . -5.45 13.74 -14.00
O3 NGS I . -2.11 11.70 -11.58
O5 NGS I . -4.96 14.51 -11.95
O6 NGS I . -3.51 16.36 -10.35
N2 NGS I . -4.69 11.06 -13.12
C7 NGS I . -4.04 10.25 -13.96
O7 NGS I . -3.16 10.66 -14.71
C8 NGS I . -4.44 8.79 -13.92
S NGS I . -2.61 17.41 -9.59
O7A NGS I . -1.86 17.98 -10.77
O8 NGS I . -1.62 16.66 -8.85
O9 NGS I . -3.50 18.49 -9.04
O4 NGS I . -3.19 13.09 -9.10
C1 GAL I . -2.23 13.49 -8.26
C2 GAL I . -2.42 13.59 -6.78
C3 GAL I . -1.06 13.65 -6.10
C4 GAL I . -0.18 12.48 -6.52
C5 GAL I . -0.25 12.34 -8.04
C6 GAL I . 0.46 11.12 -8.58
O2 GAL I . -3.13 14.80 -6.61
O3 GAL I . -1.29 13.73 -4.69
O4 GAL I . -0.64 11.29 -5.89
O5 GAL I . -1.61 12.24 -8.42
O6 GAL I . 1.83 11.37 -8.39
C1 SIA I . 1.03 14.26 -4.01
C2 SIA I . -0.42 14.77 -4.15
C3 SIA I . -1.14 14.76 -2.78
C4 SIA I . -0.55 15.83 -1.87
C5 SIA I . -0.72 17.18 -2.53
C6 SIA I . -0.09 17.16 -3.93
C7 SIA I . -0.16 18.48 -4.75
C8 SIA I . 0.82 18.47 -5.96
C9 SIA I . 0.72 17.25 -6.77
C10 SIA I . -0.51 19.38 -1.43
C11 SIA I . -1.85 19.72 -1.96
N5 SIA I . -0.03 18.16 -1.71
O1A SIA I . 1.95 14.72 -4.74
O1B SIA I . 1.29 13.34 -3.15
O4 SIA I . -1.20 15.85 -0.64
O6 SIA I . -0.65 16.07 -4.66
O7 SIA I . -1.49 18.78 -5.13
O8 SIA I . 0.74 19.52 -6.94
O9 SIA I . 1.84 16.52 -6.33
O10 SIA I . 0.09 20.24 -0.72
C1 NAG J . 8.38 -25.50 5.57
C2 NAG J . 9.03 -24.65 6.63
C3 NAG J . 10.55 -24.79 6.96
C4 NAG J . 10.97 -26.25 7.24
C5 NAG J . 10.29 -27.04 6.09
C6 NAG J . 10.30 -28.56 6.27
C7 NAG J . 7.71 -22.56 6.74
C8 NAG J . 6.67 -23.07 7.64
N2 NAG J . 8.75 -23.27 6.32
O3 NAG J . 10.62 -23.96 8.10
O4 NAG J . 12.38 -26.57 7.64
O5 NAG J . 8.88 -26.77 5.87
O6 NAG J . 9.61 -29.06 5.12
O7 NAG J . 7.57 -21.40 6.42
C5A CSF K . -4.60 -15.84 -12.77
C4A CSF K . -4.34 -17.23 -13.36
C2A CSF K . -4.28 -18.15 -10.81
O6A CSF K . -4.50 -16.79 -10.54
C6A CSF K . -5.27 -15.93 -11.40
C3A CSF K . -4.07 -18.40 -12.42
O4A CSF K . -3.27 -17.11 -14.30
N5A CSF K . -5.36 -15.03 -13.71
C7A CSF K . -5.60 -14.65 -10.60
C8A CSF K . -6.74 -14.78 -9.58
C9A CSF K . -7.20 -13.41 -9.04
O9A CSF K . -8.63 -13.31 -8.95
O8A CSF K . -7.88 -15.48 -10.11
O7A CSF K . -4.45 -14.16 -9.90
C1A CSF K . -3.12 -18.57 -9.85
OBA CSF K . -2.63 -19.70 -10.13
OAA CSF K . -2.72 -18.02 -8.86
O1A CSF K . -5.44 -18.85 -10.40
O2A CSF K . -7.21 -18.50 -12.24
N1 CSF K . -7.21 -23.57 -13.34
C2 CSF K . -7.21 -24.51 -14.36
N3 CSF K . -7.81 -24.20 -15.54
C4 CSF K . -8.37 -23.00 -15.72
C5 CSF K . -8.35 -22.00 -14.70
C6 CSF K . -7.76 -22.32 -13.54
C3' CSF K . -5.38 -22.27 -11.02
C2' CSF K . -5.22 -23.57 -11.80
C1' CSF K . -6.69 -23.96 -12.04
O4' CSF K . -7.48 -23.32 -11.04
C4' CSF K . -6.61 -22.55 -10.17
PA CSF K . -6.95 -18.95 -10.87
O5' CSF K . -7.49 -20.44 -10.86
C5' CSF K . -7.34 -21.33 -9.72
O3' CSF K . -4.23 -22.01 -10.24
O2' CSF K . -4.60 -24.49 -10.93
N4 CSF K . -8.98 -22.76 -16.85
O2 CSF K . -6.68 -25.60 -14.18
O3A CSF K . -7.82 -18.22 -9.91
C10 CSF K . -4.86 -13.98 -14.39
O10 CSF K . -3.67 -13.88 -14.66
C11 CSF K . -5.85 -12.93 -14.81
F3A CSF K . -2.80 -18.89 -12.70
C1 NAG L . 2.75 49.87 5.13
C2 NAG L . 2.49 51.33 4.71
C3 NAG L . 1.23 51.91 5.38
C4 NAG L . 0.01 51.09 5.02
C5 NAG L . 0.26 49.63 5.45
C6 NAG L . -0.88 48.69 5.00
C7 NAG L . 4.75 52.29 4.26
C8 NAG L . 4.79 51.81 2.83
N2 NAG L . 3.70 52.07 5.07
O3 NAG L . 0.94 53.21 4.95
O4 NAG L . -1.15 51.67 5.63
O5 NAG L . 1.52 49.14 4.95
O6 NAG L . -1.29 48.93 3.66
O7 NAG L . 5.72 52.91 4.65
C1 NAG M . 15.83 40.33 13.24
C2 NAG M . 16.48 40.87 14.51
C3 NAG M . 16.74 42.37 14.22
C4 NAG M . 17.91 42.36 13.20
C5 NAG M . 17.45 41.58 11.94
C6 NAG M . 18.56 41.48 10.87
C7 NAG M . 14.73 40.56 16.33
C8 NAG M . 14.51 39.93 17.70
N2 NAG M . 15.95 40.41 15.81
O3 NAG M . 16.98 43.15 15.38
O4 NAG M . 18.44 43.61 12.84
O5 NAG M . 16.89 40.29 12.29
O6 NAG M . 19.85 41.25 11.41
O7 NAG M . 13.81 41.18 15.79
C5A CSF N . 4.48 18.62 -7.81
C4A CSF N . 4.17 20.08 -8.17
C2A CSF N . 4.45 20.61 -5.57
O6A CSF N . 4.60 19.22 -5.45
C6A CSF N . 5.29 18.52 -6.50
C3A CSF N . 4.00 21.09 -7.03
O4A CSF N . 3.02 20.09 -9.00
N5A CSF N . 5.16 17.95 -8.91
C7A CSF N . 5.67 17.11 -6.01
C8A CSF N . 7.08 16.95 -5.42
C9A CSF N . 7.53 15.50 -5.51
O9A CSF N . 8.89 15.36 -5.13
O8A CSF N . 8.07 17.80 -6.03
O7A CSF N . 4.76 16.62 -5.03
C1A CSF N . 3.37 21.06 -4.57
OBA CSF N . 3.33 22.36 -4.70
OAA CSF N . 2.67 20.40 -3.81
O1A CSF N . 5.62 21.26 -5.14
O2A CSF N . 7.14 21.32 -7.23
N1 CSF N . 7.76 26.42 -7.21
C2 CSF N . 7.92 27.63 -7.91
N3 CSF N . 8.61 27.63 -9.08
C4 CSF N . 9.07 26.48 -9.59
C5 CSF N . 8.84 25.23 -8.94
C6 CSF N . 8.21 25.25 -7.75
C3' CSF N . 5.81 24.84 -5.03
C2' CSF N . 5.79 26.23 -5.60
C1' CSF N . 7.29 26.50 -5.83
O4' CSF N . 8.02 25.57 -5.07
C4' CSF N . 7.11 24.81 -4.26
PA CSF N . 7.14 21.47 -5.77
O5' CSF N . 7.76 22.80 -5.32
C5' CSF N . 7.65 23.44 -4.03
O3' CSF N . 4.78 24.85 -4.06
O2' CSF N . 5.27 26.93 -4.47
N4 CSF N . 9.72 26.52 -10.75
O2 CSF N . 7.33 28.65 -7.51
O3A CSF N . 8.12 20.39 -5.19
C10 CSF N . 4.71 16.81 -9.50
O10 CSF N . 3.99 16.00 -8.91
C11 CSF N . 5.16 16.57 -10.92
F3A CSF N . 2.64 21.48 -6.98
#